data_5RLZ
#
_entry.id   5RLZ
#
_cell.length_a   59.208
_cell.length_b   70.390
_cell.length_c   85.354
_cell.angle_alpha   102.740
_cell.angle_beta   95.870
_cell.angle_gamma   112.420
#
_symmetry.space_group_name_H-M   'P 1'
#
loop_
_entity.id
_entity.type
_entity.pdbx_description
1 polymer Helicase
2 non-polymer '(3R)-1-acetyl-3-hydroxypiperidine-3-carboxylic acid'
3 non-polymer 'ZINC ION'
4 non-polymer 'PHOSPHATE ION'
5 water water
#
_entity_poly.entity_id   1
_entity_poly.type   'polypeptide(L)'
_entity_poly.pdbx_seq_one_letter_code
;AVGACVLCNSQTSLRCGACIRRPFLCCKCCYDHVISTSHKLVLSVNPYVCNAPGCDVTDVTQLYLGGMSYYCKSHKPPIS
FPLCANGQVFGLYKNTCVGSDNVTDFNAIATCDWTNAGDYILANTCTERLKLFAAETLKATEETFKLSYGIATVREVLSD
RELHLSWEVGKPRPPLNRNYVFTGYRVTKNSKVQIGEYTFEKGDYGDAVVYRGTTTYKLNVGDYFVLTSHTVMPLSAPTL
VPQEHYVRITGLYPTLNISDEFSSNVANYQKVGMQKYSTLQGPPGTGKSHFAIGLALYYPSARIVYTACSHAAVDALCEK
ALKYLPIDKCSRIIPARARVECFDKFKVNSTLEQYVFCTVNALPETTADIVVFDEISMATNYDLSVVNARLRAKHYVYIG
DPAQLPAPRTLLTKGTLEPEYFNSVCRLMKTIGPDMFLGTCRRCPAEIVDTVSALVYDNKLKAHKDKSAQCFKMFYKGVI
THDVSSAINRPQIGVVREFLTRNPAWRKAVFISPYNSQNAVASKILGLPTQTVDSSQGSEYDYVIFTQTTETAHSCNVNR
FNVAITRAKVGILCIMSDRDLYDKLQFTSLEIPRRNVATLQ
;
_entity_poly.pdbx_strand_id   B,A
#
loop_
_chem_comp.id
_chem_comp.type
_chem_comp.name
_chem_comp.formula
PO4 non-polymer 'PHOSPHATE ION' 'O4 P -3'
VWM non-polymer '(3R)-1-acetyl-3-hydroxypiperidine-3-carboxylic acid' 'C8 H13 N O4'
ZN non-polymer 'ZINC ION' 'Zn 2'
#
# COMPACT_ATOMS: atom_id res chain seq x y z
N VAL A 2 10.17 -24.72 -3.24
CA VAL A 2 9.54 -25.58 -4.31
C VAL A 2 8.66 -24.69 -5.21
N GLY A 3 8.49 -25.07 -6.48
CA GLY A 3 7.69 -24.31 -7.46
C GLY A 3 7.73 -24.94 -8.84
N ALA A 4 7.61 -24.12 -9.88
CA ALA A 4 7.35 -24.51 -11.29
C ALA A 4 8.49 -24.09 -12.22
N CYS A 5 8.97 -25.02 -13.04
CA CYS A 5 10.11 -24.81 -13.99
C CYS A 5 9.64 -23.93 -15.16
N VAL A 6 10.10 -22.68 -15.18
CA VAL A 6 9.70 -21.62 -16.15
C VAL A 6 9.86 -22.08 -17.62
N LEU A 7 10.52 -23.21 -17.91
CA LEU A 7 10.68 -23.74 -19.31
C LEU A 7 9.81 -24.97 -19.57
N CYS A 8 9.67 -25.88 -18.59
CA CYS A 8 8.92 -27.16 -18.66
C CYS A 8 7.57 -27.03 -17.95
N ASN A 9 7.61 -26.37 -16.79
CA ASN A 9 6.51 -26.27 -15.79
C ASN A 9 6.72 -27.37 -14.76
N SER A 10 7.37 -28.47 -15.18
CA SER A 10 7.90 -29.55 -14.31
C SER A 10 8.06 -29.03 -12.88
N GLN A 11 7.43 -29.68 -11.91
CA GLN A 11 7.58 -29.34 -10.46
C GLN A 11 9.06 -29.49 -10.12
N THR A 12 9.63 -28.55 -9.36
CA THR A 12 11.08 -28.57 -8.98
C THR A 12 11.30 -27.92 -7.61
N SER A 13 12.44 -28.24 -7.00
CA SER A 13 12.94 -27.63 -5.73
C SER A 13 14.18 -26.78 -6.00
N LEU A 14 14.41 -26.39 -7.26
CA LEU A 14 15.64 -25.67 -7.69
C LEU A 14 15.27 -24.30 -8.25
N ARG A 15 15.94 -23.24 -7.78
CA ARG A 15 15.99 -21.89 -8.41
C ARG A 15 17.44 -21.49 -8.65
N CYS A 16 17.77 -21.03 -9.86
CA CYS A 16 19.09 -20.42 -10.21
C CYS A 16 19.31 -19.22 -9.30
N GLY A 17 20.44 -19.19 -8.60
CA GLY A 17 20.75 -18.19 -7.56
C GLY A 17 21.58 -17.05 -8.12
N ALA A 18 22.02 -17.15 -9.38
CA ALA A 18 22.78 -16.09 -10.09
C ALA A 18 21.80 -15.19 -10.86
N CYS A 19 20.69 -15.77 -11.34
CA CYS A 19 19.51 -15.06 -11.92
C CYS A 19 18.93 -14.09 -10.89
N ILE A 20 18.79 -12.81 -11.26
CA ILE A 20 18.38 -11.76 -10.28
C ILE A 20 16.96 -12.07 -9.79
N ARG A 21 16.16 -12.82 -10.56
CA ARG A 21 14.78 -13.19 -10.15
C ARG A 21 14.71 -14.56 -9.44
N ARG A 22 15.74 -15.40 -9.60
CA ARG A 22 15.82 -16.75 -8.97
C ARG A 22 14.67 -17.63 -9.47
N PRO A 23 14.50 -17.80 -10.79
CA PRO A 23 13.42 -18.62 -11.33
C PRO A 23 13.63 -20.11 -11.02
N PHE A 24 12.58 -20.77 -10.51
CA PHE A 24 12.49 -22.25 -10.38
C PHE A 24 12.89 -22.87 -11.73
N LEU A 25 13.84 -23.80 -11.69
CA LEU A 25 14.33 -24.58 -12.85
C LEU A 25 14.32 -26.08 -12.49
N CYS A 26 13.81 -26.94 -13.39
CA CYS A 26 13.75 -28.41 -13.21
C CYS A 26 15.15 -29.01 -13.44
N CYS A 27 15.41 -30.12 -12.76
CA CYS A 27 16.72 -30.83 -12.81
C CYS A 27 17.34 -30.68 -14.19
N LYS A 28 16.59 -30.96 -15.25
CA LYS A 28 17.14 -30.94 -16.63
C LYS A 28 17.42 -29.48 -17.00
N CYS A 29 16.48 -28.58 -16.70
CA CYS A 29 16.51 -27.16 -17.15
C CYS A 29 17.56 -26.41 -16.31
N CYS A 30 17.60 -26.63 -14.99
CA CYS A 30 18.63 -26.06 -14.07
C CYS A 30 20.04 -26.43 -14.55
N TYR A 31 20.24 -27.72 -14.91
CA TYR A 31 21.51 -28.30 -15.45
C TYR A 31 21.88 -27.64 -16.78
N ASP A 32 20.98 -27.71 -17.77
CA ASP A 32 21.20 -27.14 -19.13
C ASP A 32 21.51 -25.65 -19.00
N HIS A 33 20.94 -24.97 -17.99
CA HIS A 33 21.20 -23.52 -17.71
C HIS A 33 22.63 -23.35 -17.15
N VAL A 34 22.97 -24.00 -16.03
CA VAL A 34 24.31 -23.86 -15.37
C VAL A 34 25.46 -24.22 -16.33
N ILE A 35 25.34 -25.27 -17.17
CA ILE A 35 26.50 -25.76 -17.98
C ILE A 35 26.71 -24.87 -19.20
N SER A 36 25.72 -24.09 -19.61
CA SER A 36 25.77 -23.31 -20.88
C SER A 36 25.98 -21.82 -20.63
N THR A 37 25.95 -21.37 -19.36
CA THR A 37 26.18 -19.95 -18.95
C THR A 37 27.14 -19.90 -17.76
N SER A 38 27.42 -18.69 -17.25
CA SER A 38 28.29 -18.40 -16.07
C SER A 38 27.51 -18.56 -14.76
N HIS A 39 26.20 -18.74 -14.81
CA HIS A 39 25.35 -18.90 -13.59
C HIS A 39 25.68 -20.27 -12.98
N LYS A 40 26.23 -20.32 -11.75
CA LYS A 40 26.61 -21.61 -11.10
C LYS A 40 26.09 -21.72 -9.66
N LEU A 41 25.60 -20.64 -9.03
CA LEU A 41 24.96 -20.73 -7.71
C LEU A 41 23.55 -21.31 -7.91
N VAL A 42 23.21 -22.39 -7.21
CA VAL A 42 21.89 -23.07 -7.30
C VAL A 42 21.27 -23.06 -5.91
N LEU A 43 19.99 -22.70 -5.81
CA LEU A 43 19.22 -22.59 -4.54
C LEU A 43 18.10 -23.63 -4.54
N SER A 44 17.89 -24.28 -3.40
CA SER A 44 16.84 -25.31 -3.20
C SER A 44 15.95 -24.92 -2.00
N VAL A 45 15.77 -25.85 -1.06
CA VAL A 45 15.32 -25.56 0.34
C VAL A 45 16.49 -24.90 1.05
N ASN A 46 17.70 -25.15 0.57
CA ASN A 46 18.95 -24.48 1.02
C ASN A 46 19.73 -24.05 -0.22
N PRO A 47 20.84 -23.28 -0.06
CA PRO A 47 21.73 -22.93 -1.17
C PRO A 47 22.85 -23.97 -1.35
N TYR A 48 22.95 -24.53 -2.55
CA TYR A 48 24.04 -25.47 -2.94
C TYR A 48 25.37 -24.71 -2.82
N VAL A 49 25.83 -24.52 -1.58
CA VAL A 49 27.14 -23.91 -1.25
C VAL A 49 27.89 -24.95 -0.42
N CYS A 50 29.23 -24.93 -0.44
CA CYS A 50 30.05 -25.79 0.45
C CYS A 50 29.82 -25.35 1.90
N ASN A 51 29.29 -26.25 2.74
CA ASN A 51 28.99 -26.00 4.17
C ASN A 51 30.24 -26.33 5.01
N ALA A 52 31.44 -26.21 4.45
CA ALA A 52 32.73 -26.37 5.16
C ALA A 52 33.11 -25.03 5.77
N PRO A 53 33.96 -25.01 6.83
CA PRO A 53 34.30 -23.76 7.52
C PRO A 53 35.31 -22.91 6.73
N GLY A 54 34.87 -21.71 6.29
CA GLY A 54 35.68 -20.78 5.49
C GLY A 54 36.17 -21.42 4.19
N CYS A 55 35.24 -22.01 3.41
CA CYS A 55 35.43 -22.44 1.99
C CYS A 55 34.46 -21.67 1.09
N ASP A 56 34.98 -21.10 -0.01
CA ASP A 56 34.27 -20.13 -0.87
C ASP A 56 33.80 -20.82 -2.15
N VAL A 57 33.43 -22.10 -2.10
CA VAL A 57 32.91 -22.83 -3.29
C VAL A 57 31.37 -22.73 -3.29
N THR A 58 30.85 -22.14 -4.37
CA THR A 58 29.40 -21.94 -4.67
C THR A 58 29.03 -22.58 -6.02
N ASP A 59 30.01 -22.90 -6.88
CA ASP A 59 29.75 -23.52 -8.21
C ASP A 59 29.20 -24.93 -8.00
N VAL A 60 28.02 -25.20 -8.54
CA VAL A 60 27.26 -26.46 -8.34
C VAL A 60 27.95 -27.64 -9.07
N THR A 61 28.79 -27.37 -10.07
CA THR A 61 29.51 -28.41 -10.84
C THR A 61 30.71 -28.93 -10.02
N GLN A 62 31.13 -28.18 -8.99
CA GLN A 62 32.29 -28.47 -8.11
C GLN A 62 31.81 -28.88 -6.71
N LEU A 63 30.57 -29.33 -6.55
CA LEU A 63 30.00 -29.60 -5.20
C LEU A 63 29.30 -30.96 -5.15
N TYR A 64 29.21 -31.51 -3.94
CA TYR A 64 28.81 -32.91 -3.60
C TYR A 64 27.89 -32.89 -2.39
N LEU A 65 26.81 -33.69 -2.43
CA LEU A 65 25.98 -34.07 -1.26
C LEU A 65 26.67 -35.20 -0.50
N GLY A 66 27.24 -34.89 0.67
CA GLY A 66 27.90 -35.84 1.58
C GLY A 66 27.31 -35.74 2.98
N GLY A 67 26.56 -36.77 3.42
CA GLY A 67 25.62 -36.66 4.55
C GLY A 67 24.34 -35.99 4.09
N MET A 68 23.93 -34.91 4.78
CA MET A 68 22.80 -34.04 4.36
C MET A 68 23.29 -32.59 4.21
N SER A 69 24.61 -32.40 4.12
CA SER A 69 25.30 -31.12 3.82
C SER A 69 25.95 -31.18 2.44
N TYR A 70 26.39 -30.03 1.92
CA TYR A 70 27.01 -29.87 0.58
C TYR A 70 28.49 -29.53 0.78
N TYR A 71 29.36 -30.14 -0.02
CA TYR A 71 30.83 -29.94 0.05
C TYR A 71 31.42 -29.87 -1.36
N CYS A 72 32.53 -29.15 -1.48
CA CYS A 72 33.43 -29.16 -2.66
C CYS A 72 34.27 -30.45 -2.65
N LYS A 73 35.18 -30.59 -3.61
CA LYS A 73 36.03 -31.79 -3.77
C LYS A 73 36.95 -31.90 -2.55
N SER A 74 37.50 -30.77 -2.08
CA SER A 74 38.55 -30.69 -1.04
C SER A 74 38.00 -31.05 0.35
N HIS A 75 36.71 -30.85 0.61
CA HIS A 75 36.15 -30.92 1.98
C HIS A 75 35.17 -32.09 2.12
N LYS A 76 34.90 -32.82 1.04
CA LYS A 76 33.75 -33.78 1.03
C LYS A 76 34.08 -34.98 1.91
N PRO A 77 33.05 -35.63 2.48
CA PRO A 77 33.23 -36.93 3.15
C PRO A 77 33.46 -38.07 2.16
N PRO A 78 33.89 -39.27 2.64
CA PRO A 78 34.26 -40.36 1.74
C PRO A 78 33.05 -40.82 0.91
N ILE A 79 31.89 -40.83 1.55
CA ILE A 79 30.57 -41.16 0.93
C ILE A 79 29.90 -39.83 0.53
N SER A 80 29.73 -39.60 -0.78
CA SER A 80 29.02 -38.45 -1.39
C SER A 80 28.56 -38.80 -2.81
N PHE A 81 27.64 -38.02 -3.38
CA PHE A 81 27.40 -37.98 -4.85
C PHE A 81 27.40 -36.54 -5.31
N PRO A 82 27.86 -36.25 -6.56
CA PRO A 82 27.93 -34.87 -7.05
C PRO A 82 26.50 -34.30 -7.15
N LEU A 83 26.33 -33.00 -6.87
CA LEU A 83 24.99 -32.35 -6.93
C LEU A 83 24.49 -32.28 -8.37
N CYS A 84 25.41 -32.35 -9.34
CA CYS A 84 25.20 -31.82 -10.71
C CYS A 84 25.84 -32.74 -11.75
N ALA A 85 25.29 -33.94 -11.93
CA ALA A 85 25.71 -34.93 -12.95
C ALA A 85 24.49 -35.63 -13.55
N ASN A 86 24.66 -36.39 -14.63
CA ASN A 86 23.57 -37.13 -15.34
C ASN A 86 22.65 -36.14 -16.07
N GLY A 87 23.22 -35.09 -16.68
CA GLY A 87 22.48 -34.07 -17.46
C GLY A 87 21.35 -33.43 -16.65
N GLN A 88 21.48 -33.49 -15.33
CA GLN A 88 20.48 -33.06 -14.34
C GLN A 88 21.19 -32.55 -13.08
N VAL A 89 20.54 -31.66 -12.33
CA VAL A 89 21.03 -31.13 -11.02
C VAL A 89 20.12 -31.69 -9.94
N PHE A 90 20.65 -31.87 -8.73
CA PHE A 90 19.99 -32.67 -7.67
C PHE A 90 19.11 -31.77 -6.78
N GLY A 91 17.82 -32.10 -6.69
CA GLY A 91 16.87 -31.61 -5.67
C GLY A 91 15.72 -32.58 -5.50
N LEU A 92 14.56 -32.12 -5.01
CA LEU A 92 13.30 -32.92 -4.93
C LEU A 92 12.70 -33.06 -6.33
N TYR A 93 11.77 -34.01 -6.48
CA TYR A 93 10.94 -34.26 -7.70
C TYR A 93 11.85 -34.57 -8.90
N LYS A 94 12.88 -35.41 -8.66
CA LYS A 94 13.95 -35.81 -9.62
C LYS A 94 13.33 -36.58 -10.81
N ASN A 95 12.27 -37.36 -10.54
CA ASN A 95 11.67 -38.36 -11.46
C ASN A 95 10.61 -37.71 -12.37
N THR A 96 10.09 -36.53 -11.98
CA THR A 96 9.20 -35.64 -12.80
C THR A 96 10.03 -34.42 -13.28
N CYS A 97 10.23 -34.33 -14.60
CA CYS A 97 11.25 -33.49 -15.28
C CYS A 97 11.27 -33.85 -16.78
N VAL A 98 10.92 -32.90 -17.66
CA VAL A 98 10.72 -33.14 -19.12
C VAL A 98 11.82 -32.45 -19.95
N GLY A 99 12.28 -31.25 -19.55
CA GLY A 99 13.37 -30.49 -20.21
C GLY A 99 12.88 -29.68 -21.40
N SER A 100 13.80 -29.21 -22.26
CA SER A 100 13.49 -28.51 -23.53
C SER A 100 14.56 -28.85 -24.58
N ASP A 101 14.20 -28.82 -25.87
CA ASP A 101 15.09 -29.10 -27.03
C ASP A 101 16.15 -27.99 -27.16
N ASN A 102 15.79 -26.74 -26.81
CA ASN A 102 16.68 -25.56 -26.68
C ASN A 102 16.33 -24.80 -25.39
N VAL A 103 17.34 -24.27 -24.69
CA VAL A 103 17.25 -23.42 -23.46
C VAL A 103 17.81 -22.04 -23.82
N THR A 104 18.09 -21.83 -25.11
CA THR A 104 18.86 -20.69 -25.67
C THR A 104 18.21 -19.36 -25.26
N ASP A 105 16.88 -19.23 -25.46
CA ASP A 105 16.08 -18.01 -25.20
C ASP A 105 16.08 -17.65 -23.71
N PHE A 106 15.98 -18.63 -22.81
CA PHE A 106 15.93 -18.37 -21.34
C PHE A 106 17.29 -17.90 -20.86
N ASN A 107 18.37 -18.40 -21.46
CA ASN A 107 19.77 -18.05 -21.11
C ASN A 107 20.00 -16.58 -21.47
N ALA A 108 19.66 -16.19 -22.70
CA ALA A 108 19.81 -14.81 -23.21
C ALA A 108 19.01 -13.86 -22.31
N ILE A 109 17.80 -14.26 -21.92
CA ILE A 109 16.92 -13.40 -21.06
C ILE A 109 17.62 -13.25 -19.72
N ALA A 110 18.14 -14.35 -19.20
CA ALA A 110 18.72 -14.46 -17.82
C ALA A 110 20.03 -13.67 -17.73
N THR A 111 20.71 -13.44 -18.85
CA THR A 111 22.11 -12.97 -18.91
C THR A 111 22.26 -11.64 -19.65
N CYS A 112 21.25 -11.13 -20.36
CA CYS A 112 21.40 -9.87 -21.14
C CYS A 112 21.44 -8.71 -20.15
N ASP A 113 22.04 -7.58 -20.51
CA ASP A 113 22.03 -6.33 -19.71
C ASP A 113 20.91 -5.36 -20.14
N TRP A 114 20.12 -5.69 -21.18
CA TRP A 114 18.92 -4.93 -21.65
C TRP A 114 19.31 -3.57 -22.27
N THR A 115 20.48 -3.46 -22.88
CA THR A 115 20.98 -2.22 -23.54
C THR A 115 20.73 -2.35 -25.05
N ASN A 116 20.46 -3.56 -25.54
CA ASN A 116 20.27 -3.87 -26.98
C ASN A 116 18.77 -4.11 -27.23
N ALA A 117 18.26 -3.60 -28.35
CA ALA A 117 16.87 -3.77 -28.81
C ALA A 117 16.53 -5.26 -28.88
N GLY A 118 17.47 -6.07 -29.41
CA GLY A 118 17.38 -7.53 -29.53
C GLY A 118 16.87 -8.19 -28.26
N ASP A 119 17.15 -7.58 -27.11
CA ASP A 119 16.79 -8.14 -25.78
C ASP A 119 15.27 -8.00 -25.59
N TYR A 120 14.70 -6.88 -26.07
CA TYR A 120 13.25 -6.52 -25.94
C TYR A 120 12.48 -7.29 -27.02
N ILE A 121 13.08 -7.47 -28.19
CA ILE A 121 12.46 -8.24 -29.31
C ILE A 121 12.25 -9.67 -28.83
N LEU A 122 13.23 -10.24 -28.15
CA LEU A 122 13.19 -11.64 -27.69
C LEU A 122 12.13 -11.73 -26.58
N ALA A 123 12.11 -10.78 -25.66
CA ALA A 123 11.18 -10.78 -24.50
C ALA A 123 9.74 -10.68 -25.01
N ASN A 124 9.56 -10.33 -26.28
CA ASN A 124 8.22 -10.08 -26.82
C ASN A 124 7.83 -11.18 -27.84
N THR A 125 8.78 -11.99 -28.32
CA THR A 125 8.50 -13.10 -29.29
C THR A 125 8.69 -14.49 -28.67
N CYS A 126 9.30 -14.60 -27.48
CA CYS A 126 9.57 -15.88 -26.79
C CYS A 126 8.24 -16.48 -26.33
N THR A 127 8.24 -17.65 -25.70
CA THR A 127 7.01 -18.29 -25.18
C THR A 127 6.44 -17.36 -24.10
N GLU A 128 5.16 -17.56 -23.76
CA GLU A 128 4.42 -16.67 -22.82
C GLU A 128 5.09 -16.70 -21.46
N ARG A 129 5.49 -17.88 -20.99
CA ARG A 129 6.06 -18.03 -19.62
C ARG A 129 7.39 -17.27 -19.53
N LEU A 130 8.15 -17.21 -20.63
CA LEU A 130 9.42 -16.45 -20.69
C LEU A 130 9.16 -14.94 -20.81
N LYS A 131 8.08 -14.52 -21.50
CA LYS A 131 7.59 -13.12 -21.49
C LYS A 131 7.49 -12.62 -20.04
N LEU A 132 6.91 -13.41 -19.13
CA LEU A 132 6.75 -13.01 -17.71
C LEU A 132 8.13 -12.94 -17.04
N PHE A 133 8.91 -14.01 -17.16
CA PHE A 133 10.28 -14.08 -16.61
C PHE A 133 11.04 -12.85 -17.09
N ALA A 134 11.04 -12.56 -18.40
CA ALA A 134 11.80 -11.43 -18.99
C ALA A 134 11.27 -10.08 -18.44
N ALA A 135 9.96 -10.01 -18.16
CA ALA A 135 9.28 -8.76 -17.78
C ALA A 135 9.71 -8.43 -16.34
N GLU A 136 9.70 -9.46 -15.49
CA GLU A 136 10.25 -9.37 -14.12
C GLU A 136 11.75 -9.03 -14.13
N THR A 137 12.53 -9.78 -14.91
CA THR A 137 14.01 -9.70 -14.94
C THR A 137 14.42 -8.29 -15.36
N LEU A 138 13.73 -7.74 -16.37
CA LEU A 138 13.99 -6.38 -16.91
C LEU A 138 13.64 -5.34 -15.86
N LYS A 139 12.49 -5.48 -15.22
CA LYS A 139 12.01 -4.44 -14.28
C LYS A 139 12.97 -4.37 -13.10
N ALA A 140 13.33 -5.52 -12.56
CA ALA A 140 14.34 -5.63 -11.48
C ALA A 140 15.65 -5.01 -11.96
N THR A 141 16.12 -5.32 -13.17
CA THR A 141 17.36 -4.71 -13.71
C THR A 141 17.18 -3.18 -13.74
N GLU A 142 15.96 -2.72 -14.07
CA GLU A 142 15.61 -1.28 -14.20
C GLU A 142 15.67 -0.61 -12.83
N GLU A 143 15.04 -1.18 -11.80
CA GLU A 143 14.93 -0.62 -10.42
C GLU A 143 16.28 -0.66 -9.69
N THR A 144 17.14 -1.62 -10.03
CA THR A 144 18.51 -1.79 -9.47
C THR A 144 19.45 -0.73 -10.07
N PHE A 145 19.31 -0.45 -11.36
CA PHE A 145 20.16 0.55 -12.08
C PHE A 145 19.94 1.94 -11.48
N LYS A 146 18.78 2.18 -10.87
CA LYS A 146 18.46 3.47 -10.20
C LYS A 146 19.30 3.64 -8.91
N LEU A 147 19.62 2.55 -8.20
CA LEU A 147 20.52 2.52 -7.00
C LEU A 147 21.94 2.95 -7.39
N SER A 148 22.39 2.64 -8.61
CA SER A 148 23.78 2.88 -9.05
C SER A 148 24.04 4.40 -9.11
N TYR A 149 22.98 5.21 -9.03
CA TYR A 149 23.06 6.69 -9.15
C TYR A 149 23.49 7.29 -7.81
N GLY A 150 24.37 8.28 -7.86
CA GLY A 150 24.80 9.02 -6.66
C GLY A 150 23.65 9.77 -6.04
N ILE A 151 23.65 9.89 -4.72
CA ILE A 151 22.78 10.81 -3.93
C ILE A 151 23.08 12.24 -4.37
N ALA A 152 22.08 13.10 -4.52
CA ALA A 152 22.23 14.56 -4.66
C ALA A 152 21.85 15.22 -3.33
N THR A 153 22.67 16.15 -2.85
CA THR A 153 22.48 16.84 -1.54
C THR A 153 22.40 18.34 -1.81
N VAL A 154 21.43 19.00 -1.15
CA VAL A 154 21.25 20.49 -1.15
C VAL A 154 22.44 21.09 -0.39
N ARG A 155 23.35 21.71 -1.14
CA ARG A 155 24.57 22.38 -0.60
C ARG A 155 24.25 23.85 -0.31
N GLU A 156 23.27 24.43 -1.00
CA GLU A 156 22.92 25.87 -0.95
C GLU A 156 21.51 26.05 -1.51
N VAL A 157 20.67 26.86 -0.86
CA VAL A 157 19.35 27.29 -1.43
C VAL A 157 19.53 28.70 -2.02
N LEU A 158 19.69 28.80 -3.34
CA LEU A 158 19.92 30.09 -4.05
C LEU A 158 18.66 30.95 -4.02
N SER A 159 17.48 30.33 -4.07
CA SER A 159 16.17 31.03 -4.21
C SER A 159 15.03 30.11 -3.78
N ASP A 160 13.82 30.35 -4.34
CA ASP A 160 12.70 29.39 -4.45
C ASP A 160 12.73 28.81 -5.87
N ARG A 161 12.39 27.53 -6.04
CA ARG A 161 12.38 26.81 -7.34
C ARG A 161 13.80 26.71 -7.94
N GLU A 162 14.87 27.00 -7.17
CA GLU A 162 16.27 26.95 -7.67
C GLU A 162 17.26 26.58 -6.54
N LEU A 163 18.20 25.68 -6.83
CA LEU A 163 19.10 25.01 -5.85
C LEU A 163 20.53 24.86 -6.40
N HIS A 164 21.46 24.55 -5.50
CA HIS A 164 22.87 24.14 -5.77
C HIS A 164 23.05 22.73 -5.19
N LEU A 165 23.31 21.74 -6.04
CA LEU A 165 23.42 20.32 -5.59
C LEU A 165 24.89 19.92 -5.46
N SER A 166 25.18 19.11 -4.44
CA SER A 166 26.45 18.38 -4.25
C SER A 166 26.19 16.89 -4.49
N TRP A 167 27.02 16.21 -5.29
CA TRP A 167 26.80 14.82 -5.78
C TRP A 167 27.77 13.85 -5.11
N GLU A 168 27.25 12.68 -4.72
CA GLU A 168 28.02 11.51 -4.23
C GLU A 168 29.20 11.25 -5.18
N VAL A 169 30.40 11.00 -4.65
CA VAL A 169 31.65 10.75 -5.44
C VAL A 169 31.68 9.28 -5.85
N GLY A 170 32.21 8.98 -7.03
CA GLY A 170 32.44 7.61 -7.52
C GLY A 170 31.15 6.89 -7.84
N LYS A 171 30.13 7.65 -8.29
CA LYS A 171 28.83 7.10 -8.77
C LYS A 171 28.30 8.02 -9.87
N PRO A 172 27.70 7.50 -10.95
CA PRO A 172 27.15 8.37 -12.00
C PRO A 172 25.99 9.22 -11.47
N ARG A 173 25.72 10.33 -12.17
CA ARG A 173 24.58 11.25 -11.88
C ARG A 173 23.48 10.99 -12.90
N PRO A 174 22.20 10.83 -12.46
CA PRO A 174 21.11 10.58 -13.39
C PRO A 174 20.90 11.79 -14.29
N PRO A 175 20.40 11.61 -15.53
CA PRO A 175 19.94 12.74 -16.33
C PRO A 175 18.92 13.58 -15.55
N LEU A 176 18.91 14.89 -15.77
CA LEU A 176 17.99 15.83 -15.09
C LEU A 176 16.88 16.24 -16.06
N ASN A 177 15.96 15.31 -16.33
CA ASN A 177 14.71 15.51 -17.13
C ASN A 177 13.55 14.84 -16.39
N ARG A 178 12.31 15.07 -16.84
CA ARG A 178 11.07 14.64 -16.14
C ARG A 178 11.01 13.12 -16.03
N ASN A 179 11.72 12.39 -16.92
CA ASN A 179 11.77 10.91 -16.93
C ASN A 179 12.57 10.39 -15.72
N TYR A 180 13.15 11.27 -14.91
CA TYR A 180 13.84 10.93 -13.64
C TYR A 180 13.22 11.77 -12.50
N VAL A 181 12.32 11.14 -11.74
CA VAL A 181 11.60 11.73 -10.57
C VAL A 181 12.34 11.35 -9.29
N PHE A 182 12.79 12.35 -8.53
CA PHE A 182 13.55 12.18 -7.27
C PHE A 182 12.57 12.06 -6.10
N THR A 183 13.11 11.72 -4.93
CA THR A 183 12.40 11.79 -3.63
C THR A 183 13.32 12.47 -2.63
N GLY A 184 12.88 13.59 -2.07
CA GLY A 184 13.62 14.32 -1.02
C GLY A 184 13.61 13.52 0.27
N TYR A 185 14.35 14.01 1.27
CA TYR A 185 14.50 13.39 2.61
C TYR A 185 15.12 14.41 3.58
N ARG A 186 14.59 14.49 4.81
CA ARG A 186 15.06 15.43 5.89
C ARG A 186 15.93 14.65 6.90
N VAL A 187 17.02 15.27 7.36
CA VAL A 187 18.11 14.61 8.17
C VAL A 187 17.70 14.62 9.65
N THR A 188 17.32 13.47 10.21
CA THR A 188 16.63 13.34 11.53
C THR A 188 17.62 12.90 12.62
N LYS A 189 17.11 12.74 13.84
CA LYS A 189 17.86 12.27 15.04
C LYS A 189 18.64 11.00 14.68
N ASN A 190 17.94 9.96 14.19
CA ASN A 190 18.52 8.61 13.93
C ASN A 190 17.94 7.97 12.67
N SER A 191 17.35 8.75 11.75
CA SER A 191 16.92 8.24 10.40
C SER A 191 16.55 9.39 9.46
N LYS A 192 15.65 9.11 8.50
CA LYS A 192 15.26 10.00 7.37
C LYS A 192 13.75 9.84 7.15
N VAL A 193 13.03 10.92 6.84
CA VAL A 193 11.57 10.87 6.48
C VAL A 193 11.34 11.54 5.12
N GLN A 194 10.48 10.94 4.28
CA GLN A 194 10.15 11.42 2.91
C GLN A 194 9.66 12.86 3.01
N ILE A 195 9.77 13.63 1.93
CA ILE A 195 9.40 15.07 1.88
C ILE A 195 8.92 15.41 0.46
N GLY A 196 8.12 14.51 -0.13
CA GLY A 196 7.54 14.68 -1.49
C GLY A 196 8.49 14.20 -2.57
N GLU A 197 7.96 13.84 -3.75
CA GLU A 197 8.75 13.50 -4.96
C GLU A 197 9.12 14.82 -5.66
N TYR A 198 10.16 14.81 -6.51
CA TYR A 198 10.75 16.01 -7.16
C TYR A 198 11.25 15.67 -8.56
N THR A 199 11.48 16.70 -9.38
CA THR A 199 12.24 16.65 -10.67
C THR A 199 13.22 17.82 -10.69
N PHE A 200 14.24 17.73 -11.54
CA PHE A 200 15.32 18.74 -11.67
C PHE A 200 15.61 19.01 -13.15
N GLU A 201 16.16 20.20 -13.42
CA GLU A 201 16.62 20.66 -14.76
C GLU A 201 17.73 21.71 -14.56
N LYS A 202 18.74 21.72 -15.43
CA LYS A 202 19.93 22.61 -15.36
C LYS A 202 19.47 24.06 -15.21
N GLY A 203 20.27 24.89 -14.54
CA GLY A 203 20.01 26.33 -14.35
C GLY A 203 20.43 27.13 -15.57
N ALA A 208 23.97 25.34 -10.56
CA ALA A 208 22.57 25.54 -10.10
C ALA A 208 21.60 24.64 -10.87
N VAL A 209 20.47 24.29 -10.26
CA VAL A 209 19.41 23.43 -10.88
C VAL A 209 18.03 24.00 -10.55
N VAL A 210 17.10 23.95 -11.51
CA VAL A 210 15.65 24.22 -11.32
C VAL A 210 15.01 22.94 -10.75
N TYR A 211 14.05 23.07 -9.81
CA TYR A 211 13.34 21.92 -9.21
C TYR A 211 11.83 22.18 -9.17
N ARG A 212 11.03 21.25 -9.70
CA ARG A 212 9.54 21.29 -9.72
C ARG A 212 9.01 20.10 -8.91
N GLY A 213 8.88 20.27 -7.59
CA GLY A 213 8.49 19.21 -6.65
C GLY A 213 6.99 19.03 -6.52
N THR A 214 6.55 17.81 -6.17
CA THR A 214 5.13 17.40 -5.94
C THR A 214 4.47 18.38 -4.96
N THR A 215 5.04 18.54 -3.77
CA THR A 215 4.57 19.47 -2.70
C THR A 215 5.52 20.67 -2.63
N THR A 216 5.06 21.79 -2.07
CA THR A 216 5.90 22.98 -1.70
C THR A 216 6.47 22.77 -0.29
N TYR A 217 7.65 23.35 -0.03
CA TYR A 217 8.38 23.30 1.27
C TYR A 217 9.29 24.52 1.39
N LYS A 218 10.02 24.60 2.51
CA LYS A 218 11.17 25.52 2.72
C LYS A 218 12.42 24.64 2.87
N LEU A 219 12.66 23.73 1.92
CA LEU A 219 13.77 22.74 1.99
C LEU A 219 15.10 23.51 2.11
N ASN A 220 15.99 23.02 2.97
CA ASN A 220 17.25 23.68 3.40
C ASN A 220 18.41 22.70 3.18
N VAL A 221 19.63 23.17 3.42
CA VAL A 221 20.91 22.42 3.24
C VAL A 221 20.81 21.05 3.96
N GLY A 222 21.54 20.04 3.44
CA GLY A 222 21.63 18.70 4.06
C GLY A 222 20.52 17.78 3.61
N ASP A 223 19.38 18.32 3.21
CA ASP A 223 18.30 17.58 2.51
C ASP A 223 18.92 16.96 1.25
N TYR A 224 18.54 15.72 0.91
CA TYR A 224 19.15 14.94 -0.19
C TYR A 224 18.03 14.27 -1.00
N PHE A 225 18.40 13.74 -2.17
CA PHE A 225 17.47 13.22 -3.20
C PHE A 225 17.97 11.91 -3.79
N VAL A 226 17.08 10.92 -3.87
CA VAL A 226 17.35 9.61 -4.51
C VAL A 226 16.11 9.28 -5.36
N LEU A 227 16.34 8.66 -6.51
CA LEU A 227 15.27 8.04 -7.33
C LEU A 227 14.73 6.83 -6.56
N THR A 228 13.55 6.94 -5.94
CA THR A 228 12.93 5.83 -5.16
C THR A 228 12.63 4.69 -6.13
N SER A 229 13.18 3.51 -5.83
CA SER A 229 12.91 2.22 -6.52
C SER A 229 12.03 1.36 -5.62
N HIS A 230 11.14 0.54 -6.21
CA HIS A 230 10.23 -0.35 -5.44
C HIS A 230 10.60 -1.83 -5.65
N THR A 231 10.13 -2.68 -4.74
CA THR A 231 10.12 -4.16 -4.88
C THR A 231 9.33 -4.53 -6.13
N VAL A 232 9.90 -5.34 -7.02
CA VAL A 232 9.22 -5.95 -8.19
C VAL A 232 8.68 -7.30 -7.74
N MET A 233 7.36 -7.49 -7.72
CA MET A 233 6.73 -8.77 -7.31
C MET A 233 6.87 -9.78 -8.46
N PRO A 234 6.74 -11.09 -8.18
CA PRO A 234 6.74 -12.10 -9.25
C PRO A 234 5.44 -12.06 -10.05
N LEU A 235 5.51 -12.44 -11.32
CA LEU A 235 4.39 -12.46 -12.27
C LEU A 235 3.88 -13.88 -12.36
N SER A 236 2.55 -14.05 -12.33
CA SER A 236 1.86 -15.36 -12.49
C SER A 236 1.08 -15.33 -13.80
N ALA A 237 0.20 -14.33 -13.96
CA ALA A 237 -0.80 -14.23 -15.06
C ALA A 237 -0.14 -13.89 -16.40
N PRO A 238 -0.68 -14.40 -17.53
CA PRO A 238 -0.17 -14.08 -18.86
C PRO A 238 -0.40 -12.62 -19.28
N THR A 239 0.20 -12.18 -20.39
CA THR A 239 0.13 -10.78 -20.87
C THR A 239 -1.23 -10.55 -21.54
N LEU A 240 -1.70 -11.56 -22.30
CA LEU A 240 -3.09 -11.70 -22.80
C LEU A 240 -3.68 -13.03 -22.33
N VAL A 241 -4.92 -13.01 -21.85
CA VAL A 241 -5.75 -14.24 -21.60
C VAL A 241 -5.90 -14.95 -22.94
N PRO A 242 -6.33 -16.23 -22.95
CA PRO A 242 -6.60 -16.92 -24.22
C PRO A 242 -7.78 -16.23 -24.92
N GLN A 243 -7.63 -15.92 -26.21
CA GLN A 243 -8.70 -15.26 -26.96
C GLN A 243 -9.89 -16.21 -27.15
N GLU A 244 -11.09 -15.64 -27.22
CA GLU A 244 -12.35 -16.38 -27.48
C GLU A 244 -13.27 -15.49 -28.32
N HIS A 245 -13.76 -15.99 -29.46
CA HIS A 245 -14.76 -15.32 -30.34
C HIS A 245 -16.12 -15.97 -30.15
N TYR A 246 -17.14 -15.16 -29.92
CA TYR A 246 -18.53 -15.63 -29.63
C TYR A 246 -19.40 -15.28 -30.82
N VAL A 247 -20.62 -15.81 -30.78
CA VAL A 247 -21.57 -15.77 -31.91
C VAL A 247 -22.75 -14.84 -31.54
N ARG A 248 -22.88 -14.53 -30.24
CA ARG A 248 -23.74 -13.47 -29.67
C ARG A 248 -22.92 -12.63 -28.67
N ILE A 249 -23.37 -11.41 -28.38
CA ILE A 249 -22.85 -10.57 -27.25
C ILE A 249 -23.05 -11.38 -25.97
N THR A 250 -22.04 -11.46 -25.10
CA THR A 250 -22.03 -12.33 -23.90
C THR A 250 -21.89 -11.50 -22.61
N GLY A 251 -22.76 -11.78 -21.63
CA GLY A 251 -22.67 -11.22 -20.27
C GLY A 251 -22.95 -9.73 -20.20
N LEU A 252 -23.41 -9.15 -21.32
CA LEU A 252 -23.65 -7.71 -21.51
C LEU A 252 -24.99 -7.50 -22.20
N TYR A 253 -25.80 -6.54 -21.72
CA TYR A 253 -27.15 -6.23 -22.25
C TYR A 253 -27.15 -4.82 -22.82
N PRO A 254 -27.16 -4.67 -24.17
CA PRO A 254 -27.12 -3.36 -24.80
C PRO A 254 -28.36 -2.52 -24.45
N THR A 255 -28.21 -1.21 -24.53
CA THR A 255 -29.29 -0.22 -24.28
C THR A 255 -30.22 -0.22 -25.49
N LEU A 256 -31.47 0.18 -25.30
CA LEU A 256 -32.42 0.29 -26.42
C LEU A 256 -32.36 1.70 -27.02
N ASN A 257 -32.11 2.71 -26.16
CA ASN A 257 -32.01 4.13 -26.57
C ASN A 257 -30.56 4.57 -26.30
N ILE A 258 -29.86 5.00 -27.34
CA ILE A 258 -28.49 5.60 -27.29
C ILE A 258 -28.50 6.97 -27.99
N SER A 259 -27.63 7.87 -27.54
CA SER A 259 -27.55 9.26 -28.06
C SER A 259 -26.69 9.25 -29.34
N ASP A 260 -26.93 10.20 -30.23
CA ASP A 260 -26.20 10.32 -31.51
C ASP A 260 -24.75 10.72 -31.25
N GLU A 261 -24.39 11.05 -30.01
CA GLU A 261 -22.99 11.31 -29.59
C GLU A 261 -22.14 10.04 -29.75
N PHE A 262 -22.68 8.87 -29.39
CA PHE A 262 -21.97 7.56 -29.30
C PHE A 262 -22.37 6.56 -30.40
N SER A 263 -23.36 6.93 -31.23
CA SER A 263 -23.98 6.08 -32.29
C SER A 263 -22.93 5.51 -33.25
N SER A 264 -21.88 6.28 -33.56
CA SER A 264 -20.76 5.84 -34.43
C SER A 264 -19.94 4.68 -33.85
N ASN A 265 -20.10 4.34 -32.55
CA ASN A 265 -19.32 3.26 -31.89
C ASN A 265 -20.21 2.05 -31.56
N VAL A 266 -21.46 2.04 -32.01
CA VAL A 266 -22.42 0.94 -31.69
C VAL A 266 -21.91 -0.38 -32.31
N ALA A 267 -21.51 -0.42 -33.58
CA ALA A 267 -20.89 -1.60 -34.20
C ALA A 267 -19.69 -2.07 -33.35
N ASN A 268 -18.74 -1.16 -33.07
CA ASN A 268 -17.49 -1.47 -32.30
C ASN A 268 -17.86 -2.03 -30.92
N TYR A 269 -18.86 -1.47 -30.22
CA TYR A 269 -19.21 -1.87 -28.83
C TYR A 269 -19.83 -3.26 -28.85
N GLN A 270 -20.37 -3.67 -30.00
CA GLN A 270 -20.99 -5.01 -30.12
C GLN A 270 -19.86 -6.03 -30.32
N LYS A 271 -18.87 -5.69 -31.14
CA LYS A 271 -17.60 -6.45 -31.27
C LYS A 271 -17.04 -6.70 -29.86
N VAL A 272 -16.99 -5.67 -29.02
CA VAL A 272 -16.42 -5.80 -27.65
C VAL A 272 -17.16 -6.93 -26.92
N GLY A 273 -18.46 -7.05 -27.16
CA GLY A 273 -19.30 -8.07 -26.47
C GLY A 273 -19.18 -9.45 -27.09
N MET A 274 -18.53 -9.55 -28.24
CA MET A 274 -18.53 -10.79 -29.07
C MET A 274 -17.13 -11.41 -29.11
N GLN A 275 -16.20 -10.96 -28.26
CA GLN A 275 -14.89 -11.61 -28.07
C GLN A 275 -14.38 -11.34 -26.65
N LYS A 276 -13.43 -12.15 -26.22
CA LYS A 276 -12.90 -12.08 -24.83
C LYS A 276 -12.13 -10.77 -24.71
N TYR A 277 -11.38 -10.39 -25.73
CA TYR A 277 -10.56 -9.17 -25.68
C TYR A 277 -10.52 -8.56 -27.08
N SER A 278 -10.45 -7.23 -27.10
CA SER A 278 -10.51 -6.40 -28.32
C SER A 278 -9.47 -5.29 -28.18
N THR A 279 -8.81 -4.98 -29.29
CA THR A 279 -7.81 -3.93 -29.44
C THR A 279 -8.50 -2.78 -30.21
N LEU A 280 -8.37 -1.55 -29.72
CA LEU A 280 -8.84 -0.33 -30.41
C LEU A 280 -7.63 0.58 -30.62
N GLN A 281 -7.19 0.74 -31.87
CA GLN A 281 -6.22 1.77 -32.29
C GLN A 281 -6.98 3.09 -32.40
N GLY A 282 -6.69 4.01 -31.49
CA GLY A 282 -7.21 5.38 -31.51
C GLY A 282 -6.11 6.38 -31.79
N PRO A 283 -5.90 6.76 -33.07
CA PRO A 283 -5.00 7.87 -33.41
C PRO A 283 -5.33 9.16 -32.70
N PRO A 284 -4.48 10.20 -32.85
CA PRO A 284 -4.69 11.44 -32.11
C PRO A 284 -6.03 12.10 -32.47
N GLY A 285 -6.85 12.43 -31.45
CA GLY A 285 -8.10 13.21 -31.57
C GLY A 285 -9.21 12.47 -32.30
N THR A 286 -9.23 11.13 -32.21
CA THR A 286 -10.25 10.27 -32.82
C THR A 286 -11.30 9.86 -31.77
N GLY A 287 -11.11 10.12 -30.48
CA GLY A 287 -12.18 9.89 -29.49
C GLY A 287 -12.03 8.60 -28.66
N LYS A 288 -10.83 8.29 -28.20
CA LYS A 288 -10.53 7.09 -27.37
C LYS A 288 -11.32 7.14 -26.05
N SER A 289 -11.28 8.25 -25.31
CA SER A 289 -11.93 8.33 -23.98
C SER A 289 -13.44 8.45 -24.19
N HIS A 290 -13.85 9.11 -25.26
CA HIS A 290 -15.29 9.17 -25.67
C HIS A 290 -15.79 7.74 -25.88
N PHE A 291 -15.06 6.95 -26.68
CA PHE A 291 -15.29 5.50 -26.88
C PHE A 291 -15.37 4.78 -25.52
N ALA A 292 -14.37 4.96 -24.66
CA ALA A 292 -14.28 4.22 -23.38
C ALA A 292 -15.54 4.49 -22.55
N ILE A 293 -15.92 5.76 -22.34
CA ILE A 293 -17.09 6.14 -21.47
C ILE A 293 -18.40 5.69 -22.14
N GLY A 294 -18.50 5.84 -23.46
CA GLY A 294 -19.68 5.44 -24.26
C GLY A 294 -20.04 3.97 -24.10
N LEU A 295 -19.03 3.13 -23.91
CA LEU A 295 -19.19 1.69 -23.62
C LEU A 295 -20.07 1.50 -22.38
N ALA A 296 -19.94 2.37 -21.38
CA ALA A 296 -20.72 2.32 -20.11
C ALA A 296 -22.19 2.58 -20.42
N LEU A 297 -22.45 3.50 -21.33
CA LEU A 297 -23.81 3.97 -21.68
C LEU A 297 -24.46 2.93 -22.59
N TYR A 298 -23.67 2.28 -23.42
CA TYR A 298 -24.19 1.24 -24.34
C TYR A 298 -24.52 -0.01 -23.53
N TYR A 299 -23.73 -0.34 -22.50
CA TYR A 299 -24.00 -1.50 -21.59
C TYR A 299 -24.28 -1.00 -20.17
N PRO A 300 -25.44 -0.34 -19.92
CA PRO A 300 -25.62 0.47 -18.71
C PRO A 300 -25.43 -0.27 -17.38
N SER A 301 -25.76 -1.56 -17.32
CA SER A 301 -25.74 -2.36 -16.05
C SER A 301 -24.37 -3.01 -15.84
N ALA A 302 -23.45 -2.89 -16.81
CA ALA A 302 -22.12 -3.55 -16.78
C ALA A 302 -21.21 -2.87 -15.76
N ARG A 303 -20.55 -3.66 -14.92
CA ARG A 303 -19.47 -3.17 -14.02
C ARG A 303 -18.20 -3.04 -14.87
N ILE A 304 -17.58 -1.85 -14.84
CA ILE A 304 -16.40 -1.49 -15.67
C ILE A 304 -15.32 -0.95 -14.74
N VAL A 305 -14.14 -1.57 -14.80
CA VAL A 305 -12.86 -1.07 -14.27
C VAL A 305 -12.14 -0.39 -15.43
N TYR A 306 -11.90 0.90 -15.28
CA TYR A 306 -11.08 1.74 -16.19
C TYR A 306 -9.69 1.79 -15.57
N THR A 307 -8.68 1.38 -16.34
CA THR A 307 -7.28 1.32 -15.88
C THR A 307 -6.39 1.87 -16.99
N ALA A 308 -5.24 2.38 -16.58
CA ALA A 308 -4.10 2.85 -17.40
C ALA A 308 -2.85 2.87 -16.51
N CYS A 309 -1.68 3.07 -17.10
CA CYS A 309 -0.42 3.03 -16.31
C CYS A 309 -0.33 4.29 -15.46
N SER A 310 -0.57 5.46 -16.05
CA SER A 310 -0.36 6.78 -15.41
C SER A 310 -1.61 7.25 -14.66
N HIS A 311 -1.39 8.02 -13.60
CA HIS A 311 -2.45 8.79 -12.89
C HIS A 311 -3.16 9.72 -13.89
N ALA A 312 -2.39 10.45 -14.69
CA ALA A 312 -2.91 11.36 -15.73
C ALA A 312 -3.95 10.62 -16.55
N ALA A 313 -3.58 9.45 -17.09
CA ALA A 313 -4.42 8.70 -18.05
C ALA A 313 -5.70 8.28 -17.34
N VAL A 314 -5.59 7.83 -16.10
CA VAL A 314 -6.82 7.43 -15.35
C VAL A 314 -7.67 8.69 -15.16
N ASP A 315 -7.04 9.83 -14.86
CA ASP A 315 -7.75 11.07 -14.41
C ASP A 315 -8.59 11.60 -15.58
N ALA A 316 -8.01 11.62 -16.79
CA ALA A 316 -8.66 11.99 -18.06
C ALA A 316 -9.88 11.10 -18.32
N LEU A 317 -9.81 9.80 -18.00
CA LEU A 317 -10.99 8.90 -18.09
C LEU A 317 -12.04 9.37 -17.05
N CYS A 318 -11.62 9.75 -15.83
CA CYS A 318 -12.50 10.31 -14.78
C CYS A 318 -13.17 11.60 -15.27
N GLU A 319 -12.41 12.50 -15.93
CA GLU A 319 -12.93 13.80 -16.39
C GLU A 319 -14.09 13.52 -17.35
N LYS A 320 -13.82 12.72 -18.39
CA LYS A 320 -14.84 12.32 -19.38
C LYS A 320 -16.00 11.62 -18.66
N ALA A 321 -15.75 10.78 -17.65
CA ALA A 321 -16.82 10.05 -16.94
C ALA A 321 -17.68 11.04 -16.16
N LEU A 322 -17.08 12.11 -15.67
CA LEU A 322 -17.78 13.10 -14.80
C LEU A 322 -18.87 13.77 -15.65
N LYS A 323 -18.62 13.94 -16.95
CA LYS A 323 -19.53 14.55 -17.93
C LYS A 323 -20.70 13.63 -18.35
N TYR A 324 -20.66 12.31 -18.13
CA TYR A 324 -21.61 11.36 -18.78
C TYR A 324 -22.20 10.29 -17.85
N LEU A 325 -21.54 9.90 -16.75
CA LEU A 325 -21.98 8.77 -15.88
C LEU A 325 -22.40 9.30 -14.51
N PRO A 326 -23.34 8.63 -13.80
CA PRO A 326 -23.69 9.02 -12.44
C PRO A 326 -22.45 9.02 -11.50
N ILE A 327 -22.14 10.19 -10.92
CA ILE A 327 -20.98 10.38 -9.99
C ILE A 327 -21.07 9.35 -8.85
N ASP A 328 -22.27 9.11 -8.30
CA ASP A 328 -22.53 8.16 -7.18
C ASP A 328 -22.16 6.71 -7.57
N LYS A 329 -21.98 6.42 -8.87
CA LYS A 329 -21.70 5.05 -9.40
C LYS A 329 -20.22 4.91 -9.77
N CYS A 330 -19.46 5.99 -9.65
CA CYS A 330 -18.01 6.08 -9.94
C CYS A 330 -17.20 6.08 -8.64
N SER A 331 -15.99 5.52 -8.66
CA SER A 331 -15.01 5.52 -7.54
C SER A 331 -13.59 5.60 -8.10
N ARG A 332 -12.76 6.46 -7.50
CA ARG A 332 -11.31 6.56 -7.81
C ARG A 332 -10.55 5.76 -6.73
N ILE A 333 -9.79 4.74 -7.14
CA ILE A 333 -8.85 3.97 -6.27
C ILE A 333 -7.52 4.73 -6.22
N ILE A 334 -7.08 5.06 -5.00
CA ILE A 334 -5.77 5.72 -4.68
C ILE A 334 -5.13 4.92 -3.56
N PRO A 335 -3.83 4.58 -3.68
CA PRO A 335 -3.08 3.98 -2.57
C PRO A 335 -2.62 5.06 -1.57
N ALA A 336 -2.63 4.74 -0.27
CA ALA A 336 -2.15 5.62 0.83
C ALA A 336 -0.62 5.77 0.72
N VAL A 340 0.94 11.93 -4.71
CA VAL A 340 0.65 12.62 -6.00
C VAL A 340 -0.85 12.98 -6.05
N GLU A 341 -1.15 14.21 -6.49
CA GLU A 341 -2.53 14.78 -6.51
C GLU A 341 -3.24 14.36 -7.80
N CYS A 342 -4.22 13.47 -7.67
CA CYS A 342 -5.07 12.97 -8.78
C CYS A 342 -6.53 13.35 -8.52
N PHE A 343 -7.39 13.07 -9.50
CA PHE A 343 -8.86 13.29 -9.52
C PHE A 343 -9.49 13.00 -8.16
N ASP A 344 -10.33 13.92 -7.65
CA ASP A 344 -10.94 13.81 -6.29
C ASP A 344 -12.41 14.24 -6.30
N LYS A 345 -13.19 13.82 -7.30
CA LYS A 345 -14.64 14.14 -7.40
C LYS A 345 -15.50 12.87 -7.23
N PHE A 346 -14.90 11.69 -7.15
CA PHE A 346 -15.57 10.40 -6.86
C PHE A 346 -15.24 10.02 -5.42
N LYS A 347 -16.07 9.23 -4.75
CA LYS A 347 -15.70 8.62 -3.43
C LYS A 347 -14.42 7.81 -3.65
N VAL A 348 -13.48 7.87 -2.70
CA VAL A 348 -12.12 7.27 -2.82
C VAL A 348 -12.19 5.81 -2.36
N ASN A 349 -11.52 4.91 -3.11
CA ASN A 349 -11.17 3.51 -2.71
C ASN A 349 -12.45 2.74 -2.37
N SER A 350 -13.45 2.76 -3.26
CA SER A 350 -14.69 1.94 -3.18
C SER A 350 -14.68 0.88 -4.29
N THR A 351 -14.05 -0.27 -4.00
CA THR A 351 -13.82 -1.39 -4.95
C THR A 351 -15.16 -1.88 -5.54
N LEU A 352 -16.24 -1.89 -4.75
CA LEU A 352 -17.54 -2.52 -5.13
C LEU A 352 -18.45 -1.51 -5.84
N GLU A 353 -17.89 -0.40 -6.35
CA GLU A 353 -18.64 0.61 -7.15
C GLU A 353 -18.75 0.12 -8.59
N GLN A 354 -19.78 0.56 -9.34
CA GLN A 354 -20.05 0.05 -10.71
C GLN A 354 -18.93 0.46 -11.64
N TYR A 355 -18.43 1.69 -11.51
CA TYR A 355 -17.39 2.26 -12.41
C TYR A 355 -16.16 2.57 -11.57
N VAL A 356 -15.08 1.80 -11.76
CA VAL A 356 -13.84 1.88 -10.92
C VAL A 356 -12.70 2.39 -11.78
N PHE A 357 -12.09 3.49 -11.37
CA PHE A 357 -10.99 4.21 -12.07
C PHE A 357 -9.75 4.08 -11.19
N CYS A 358 -8.66 3.53 -11.72
CA CYS A 358 -7.52 3.03 -10.90
C CYS A 358 -6.33 2.73 -11.81
N THR A 359 -5.14 3.13 -11.39
CA THR A 359 -3.87 2.82 -12.09
C THR A 359 -3.63 1.30 -11.99
N VAL A 360 -2.90 0.75 -12.95
CA VAL A 360 -2.50 -0.69 -12.95
C VAL A 360 -1.90 -1.08 -11.60
N ASN A 361 -0.92 -0.32 -11.10
CA ASN A 361 -0.11 -0.78 -9.93
C ASN A 361 -0.92 -0.66 -8.64
N ALA A 362 -2.09 0.01 -8.65
CA ALA A 362 -2.97 0.15 -7.45
C ALA A 362 -4.21 -0.76 -7.53
N LEU A 363 -4.35 -1.57 -8.58
CA LEU A 363 -5.60 -2.35 -8.80
C LEU A 363 -5.85 -3.26 -7.62
N PRO A 364 -7.09 -3.33 -7.11
CA PRO A 364 -7.49 -4.42 -6.22
C PRO A 364 -7.76 -5.73 -6.95
N GLU A 365 -7.78 -6.83 -6.20
CA GLU A 365 -8.23 -8.14 -6.72
C GLU A 365 -9.76 -8.05 -6.77
N THR A 366 -10.35 -8.14 -7.97
CA THR A 366 -11.82 -8.04 -8.18
C THR A 366 -12.18 -8.62 -9.55
N THR A 367 -13.49 -8.75 -9.81
CA THR A 367 -14.05 -9.12 -11.14
C THR A 367 -14.77 -7.90 -11.73
N ALA A 368 -15.02 -7.92 -13.02
CA ALA A 368 -15.76 -6.86 -13.73
C ALA A 368 -16.43 -7.47 -14.96
N ASP A 369 -17.51 -6.87 -15.43
CA ASP A 369 -18.13 -7.20 -16.74
C ASP A 369 -17.18 -6.75 -17.85
N ILE A 370 -16.62 -5.54 -17.79
CA ILE A 370 -15.63 -5.06 -18.80
C ILE A 370 -14.42 -4.44 -18.09
N VAL A 371 -13.23 -4.67 -18.65
CA VAL A 371 -11.99 -3.95 -18.26
C VAL A 371 -11.55 -3.13 -19.47
N VAL A 372 -11.38 -1.82 -19.26
CA VAL A 372 -10.81 -0.91 -20.28
C VAL A 372 -9.44 -0.55 -19.78
N PHE A 373 -8.44 -0.83 -20.60
CA PHE A 373 -7.03 -0.53 -20.32
C PHE A 373 -6.64 0.50 -21.38
N ASP A 374 -6.45 1.75 -20.96
CA ASP A 374 -6.19 2.89 -21.88
C ASP A 374 -4.69 3.12 -22.02
N GLU A 375 -4.36 3.96 -22.99
CA GLU A 375 -2.99 4.37 -23.34
C GLU A 375 -2.10 3.12 -23.27
N ILE A 376 -2.36 2.18 -24.17
CA ILE A 376 -1.79 0.80 -24.17
C ILE A 376 -0.36 0.80 -24.73
N SER A 377 0.00 1.71 -25.65
CA SER A 377 1.38 1.83 -26.18
C SER A 377 2.39 2.04 -25.04
N MET A 378 1.94 2.63 -23.93
CA MET A 378 2.80 3.01 -22.80
C MET A 378 2.94 1.81 -21.87
N ALA A 379 2.07 0.81 -21.99
CA ALA A 379 2.08 -0.39 -21.13
C ALA A 379 3.33 -1.22 -21.46
N THR A 380 3.86 -1.89 -20.43
CA THR A 380 4.91 -2.94 -20.54
C THR A 380 4.22 -4.28 -20.34
N ASN A 381 4.87 -5.38 -20.73
CA ASN A 381 4.33 -6.76 -20.55
C ASN A 381 4.12 -6.99 -19.05
N TYR A 382 4.91 -6.33 -18.20
CA TYR A 382 4.74 -6.38 -16.72
C TYR A 382 3.33 -5.91 -16.36
N ASP A 383 2.98 -4.68 -16.74
CA ASP A 383 1.62 -4.09 -16.54
C ASP A 383 0.53 -5.02 -17.09
N LEU A 384 0.73 -5.51 -18.32
CA LEU A 384 -0.26 -6.42 -18.96
C LEU A 384 -0.54 -7.62 -18.04
N SER A 385 0.50 -8.25 -17.47
CA SER A 385 0.34 -9.45 -16.61
C SER A 385 -0.37 -9.07 -15.31
N VAL A 386 0.02 -7.96 -14.71
CA VAL A 386 -0.55 -7.48 -13.41
C VAL A 386 -2.06 -7.35 -13.55
N VAL A 387 -2.55 -6.77 -14.67
CA VAL A 387 -4.00 -6.48 -14.84
C VAL A 387 -4.73 -7.82 -14.91
N ASN A 388 -4.17 -8.73 -15.72
CA ASN A 388 -4.70 -10.10 -15.89
C ASN A 388 -4.72 -10.81 -14.53
N ALA A 389 -3.77 -10.54 -13.65
CA ALA A 389 -3.63 -11.16 -12.30
C ALA A 389 -4.61 -10.53 -11.30
N ARG A 390 -4.88 -9.23 -11.36
CA ARG A 390 -5.76 -8.54 -10.39
C ARG A 390 -7.23 -8.64 -10.85
N LEU A 391 -7.52 -8.57 -12.17
CA LEU A 391 -8.90 -8.41 -12.74
C LEU A 391 -9.33 -9.63 -13.56
N ARG A 392 -10.38 -10.32 -13.10
CA ARG A 392 -11.04 -11.42 -13.85
C ARG A 392 -12.33 -10.84 -14.44
N ALA A 393 -12.40 -10.74 -15.76
CA ALA A 393 -13.43 -9.98 -16.48
C ALA A 393 -14.06 -10.79 -17.63
N LYS A 394 -15.36 -10.64 -17.84
CA LYS A 394 -16.03 -11.21 -19.04
C LYS A 394 -15.35 -10.65 -20.29
N HIS A 395 -14.94 -9.38 -20.30
CA HIS A 395 -14.38 -8.75 -21.53
C HIS A 395 -13.24 -7.81 -21.17
N TYR A 396 -12.34 -7.61 -22.13
CA TYR A 396 -11.10 -6.82 -21.98
C TYR A 396 -11.01 -5.98 -23.24
N VAL A 397 -10.96 -4.65 -23.09
CA VAL A 397 -10.73 -3.73 -24.23
C VAL A 397 -9.40 -3.01 -23.99
N TYR A 398 -8.51 -3.01 -24.98
CA TYR A 398 -7.19 -2.36 -24.93
C TYR A 398 -7.22 -1.19 -25.90
N ILE A 399 -7.15 0.03 -25.38
CA ILE A 399 -7.25 1.27 -26.19
C ILE A 399 -5.88 1.97 -26.17
N GLY A 400 -5.42 2.37 -27.34
CA GLY A 400 -4.14 3.07 -27.47
C GLY A 400 -3.83 3.25 -28.93
N ASP A 401 -2.57 3.50 -29.24
CA ASP A 401 -2.13 3.74 -30.63
C ASP A 401 -0.67 3.32 -30.69
N PRO A 402 -0.36 2.15 -31.27
CA PRO A 402 1.01 1.69 -31.40
C PRO A 402 1.87 2.61 -32.28
N ALA A 403 1.31 3.72 -32.76
CA ALA A 403 1.99 4.71 -33.62
C ALA A 403 2.38 5.91 -32.78
N GLN A 404 1.99 5.88 -31.51
CA GLN A 404 2.38 6.88 -30.48
C GLN A 404 3.55 6.31 -29.64
N LEU A 405 3.81 6.89 -28.48
CA LEU A 405 5.07 6.65 -27.74
C LEU A 405 4.88 5.50 -26.75
N PRO A 406 5.93 4.68 -26.54
CA PRO A 406 5.97 3.66 -25.49
C PRO A 406 6.52 4.16 -24.16
N ALA A 407 6.36 3.39 -23.08
CA ALA A 407 7.09 3.56 -21.80
C ALA A 407 8.58 3.70 -22.13
N PRO A 408 9.28 4.74 -21.64
CA PRO A 408 10.71 4.87 -21.92
C PRO A 408 11.44 3.63 -21.37
N ARG A 409 12.46 3.15 -22.10
CA ARG A 409 13.32 1.99 -21.69
C ARG A 409 14.68 2.55 -21.29
N THR A 410 14.86 2.83 -19.99
CA THR A 410 15.99 3.61 -19.43
C THR A 410 17.33 2.96 -19.77
N LEU A 411 17.34 1.65 -20.01
CA LEU A 411 18.60 0.86 -20.19
C LEU A 411 18.93 0.73 -21.68
N LEU A 412 18.02 1.08 -22.59
CA LEU A 412 18.17 0.73 -24.03
C LEU A 412 19.03 1.81 -24.70
N THR A 413 20.08 1.41 -25.43
CA THR A 413 21.05 2.31 -26.12
C THR A 413 21.36 1.80 -27.54
N LYS A 414 21.51 0.49 -27.74
CA LYS A 414 21.75 -0.12 -29.08
C LYS A 414 20.40 -0.54 -29.67
N GLY A 415 20.06 -0.03 -30.87
CA GLY A 415 18.87 -0.40 -31.66
C GLY A 415 17.67 0.47 -31.34
N THR A 416 16.72 0.57 -32.26
CA THR A 416 15.39 1.19 -31.99
C THR A 416 14.42 0.08 -31.62
N LEU A 417 13.50 0.35 -30.71
CA LEU A 417 12.35 -0.55 -30.41
C LEU A 417 11.19 -0.22 -31.37
N GLU A 418 10.82 -1.15 -32.27
CA GLU A 418 9.65 -1.00 -33.18
C GLU A 418 8.37 -1.26 -32.39
N PRO A 419 7.24 -0.63 -32.79
CA PRO A 419 5.98 -0.74 -32.06
C PRO A 419 5.47 -2.17 -31.83
N GLU A 420 5.70 -3.07 -32.79
CA GLU A 420 5.32 -4.49 -32.62
C GLU A 420 6.04 -5.11 -31.41
N TYR A 421 7.02 -4.44 -30.80
CA TYR A 421 7.78 -4.98 -29.64
C TYR A 421 7.53 -4.18 -28.35
N PHE A 422 6.64 -3.18 -28.33
CA PHE A 422 6.32 -2.35 -27.13
C PHE A 422 5.63 -3.22 -26.07
N ASN A 423 4.72 -4.10 -26.46
CA ASN A 423 4.09 -5.05 -25.50
C ASN A 423 3.29 -6.09 -26.31
N SER A 424 2.69 -7.08 -25.65
CA SER A 424 1.93 -8.16 -26.34
C SER A 424 0.79 -7.54 -27.17
N VAL A 425 0.10 -6.53 -26.63
CA VAL A 425 -1.07 -5.92 -27.28
C VAL A 425 -0.61 -5.20 -28.56
N CYS A 426 0.45 -4.39 -28.47
CA CYS A 426 0.94 -3.64 -29.65
C CYS A 426 1.43 -4.64 -30.71
N ARG A 427 1.96 -5.79 -30.28
CA ARG A 427 2.43 -6.84 -31.22
C ARG A 427 1.24 -7.34 -32.05
N LEU A 428 0.15 -7.75 -31.41
CA LEU A 428 -1.10 -8.12 -32.15
C LEU A 428 -1.48 -6.98 -33.11
N MET A 429 -1.60 -5.74 -32.62
CA MET A 429 -2.15 -4.64 -33.45
C MET A 429 -1.27 -4.43 -34.69
N LYS A 430 0.03 -4.70 -34.61
CA LYS A 430 0.95 -4.45 -35.75
C LYS A 430 1.09 -5.69 -36.66
N THR A 431 0.73 -6.90 -36.19
CA THR A 431 0.90 -8.17 -36.94
C THR A 431 -0.43 -8.62 -37.57
N ILE A 432 -1.48 -8.86 -36.79
CA ILE A 432 -2.85 -9.20 -37.31
C ILE A 432 -3.71 -7.95 -37.49
N GLY A 433 -3.25 -6.77 -37.04
CA GLY A 433 -4.06 -5.53 -37.07
C GLY A 433 -4.96 -5.40 -35.83
N PRO A 434 -5.46 -4.19 -35.55
CA PRO A 434 -6.39 -3.96 -34.43
C PRO A 434 -7.83 -4.39 -34.72
N ASP A 435 -8.56 -4.86 -33.70
CA ASP A 435 -9.98 -5.25 -33.89
C ASP A 435 -10.80 -4.05 -34.38
N MET A 436 -10.50 -2.84 -33.88
CA MET A 436 -11.31 -1.64 -34.15
C MET A 436 -10.38 -0.46 -34.36
N PHE A 437 -10.80 0.47 -35.20
CA PHE A 437 -10.00 1.64 -35.65
C PHE A 437 -10.87 2.91 -35.72
N LEU A 438 -10.55 3.91 -34.90
CA LEU A 438 -11.16 5.28 -34.99
C LEU A 438 -10.51 6.03 -36.17
N GLY A 439 -11.19 6.12 -37.30
CA GLY A 439 -10.60 6.53 -38.58
C GLY A 439 -10.71 8.02 -38.83
N THR A 440 -11.32 8.79 -37.93
CA THR A 440 -11.55 10.24 -38.18
C THR A 440 -10.99 11.11 -37.06
N CYS A 441 -9.99 11.90 -37.43
CA CYS A 441 -9.27 12.81 -36.50
C CYS A 441 -10.03 14.15 -36.48
N ARG A 442 -10.55 14.53 -35.31
CA ARG A 442 -11.38 15.75 -35.08
C ARG A 442 -10.51 16.95 -34.73
N ARG A 443 -9.25 16.72 -34.37
CA ARG A 443 -8.38 17.74 -33.73
C ARG A 443 -7.66 18.58 -34.77
N CYS A 444 -6.99 17.92 -35.72
CA CYS A 444 -5.88 18.53 -36.49
C CYS A 444 -6.33 19.06 -37.85
N PRO A 445 -5.70 20.15 -38.34
CA PRO A 445 -5.89 20.58 -39.72
C PRO A 445 -5.57 19.44 -40.70
N ALA A 446 -6.04 19.53 -41.94
CA ALA A 446 -5.99 18.42 -42.91
C ALA A 446 -4.52 18.13 -43.27
N GLU A 447 -3.68 19.16 -43.38
CA GLU A 447 -2.27 19.02 -43.85
C GLU A 447 -1.53 18.04 -42.91
N ILE A 448 -1.87 18.06 -41.62
CA ILE A 448 -1.26 17.25 -40.53
C ILE A 448 -1.84 15.84 -40.51
N VAL A 449 -3.15 15.71 -40.66
CA VAL A 449 -3.83 14.39 -40.82
C VAL A 449 -3.25 13.69 -42.07
N ASP A 450 -3.14 14.40 -43.19
CA ASP A 450 -2.71 13.78 -44.48
C ASP A 450 -1.28 13.25 -44.28
N THR A 451 -0.48 13.95 -43.47
CA THR A 451 0.96 13.70 -43.30
C THR A 451 1.11 12.42 -42.48
N VAL A 452 0.42 12.31 -41.35
CA VAL A 452 0.61 11.18 -40.40
C VAL A 452 -0.23 9.99 -40.86
N SER A 453 -1.26 10.22 -41.67
CA SER A 453 -2.02 9.11 -42.30
C SER A 453 -1.05 8.30 -43.17
N ALA A 454 -0.29 8.97 -44.02
CA ALA A 454 0.72 8.36 -44.91
C ALA A 454 1.87 7.81 -44.06
N LEU A 455 2.31 8.58 -43.07
CA LEU A 455 3.56 8.28 -42.31
C LEU A 455 3.38 7.00 -41.47
N VAL A 456 2.25 6.79 -40.80
CA VAL A 456 2.18 5.67 -39.82
C VAL A 456 0.81 4.97 -39.75
N TYR A 457 -0.21 5.39 -40.50
CA TYR A 457 -1.56 4.78 -40.43
C TYR A 457 -2.02 4.20 -41.78
N ASP A 458 -1.12 3.93 -42.72
CA ASP A 458 -1.47 3.25 -44.01
C ASP A 458 -2.62 3.98 -44.72
N ASN A 459 -2.61 5.31 -44.72
CA ASN A 459 -3.57 6.18 -45.46
C ASN A 459 -5.01 5.83 -45.08
N LYS A 460 -5.25 5.42 -43.83
CA LYS A 460 -6.61 5.12 -43.32
C LYS A 460 -7.07 6.17 -42.31
N LEU A 461 -6.27 7.19 -42.00
CA LEU A 461 -6.75 8.26 -41.11
C LEU A 461 -7.31 9.41 -41.96
N LYS A 462 -8.57 9.78 -41.70
CA LYS A 462 -9.34 10.82 -42.44
C LYS A 462 -9.45 12.09 -41.58
N ALA A 463 -9.38 13.26 -42.23
CA ALA A 463 -9.48 14.61 -41.63
C ALA A 463 -10.95 14.99 -41.47
N HIS A 464 -11.39 15.34 -40.28
CA HIS A 464 -12.63 16.13 -40.05
C HIS A 464 -12.41 17.54 -40.61
N LYS A 465 -11.49 18.31 -40.02
CA LYS A 465 -11.25 19.73 -40.38
C LYS A 465 -10.78 19.83 -41.83
N ASP A 466 -10.81 21.04 -42.39
CA ASP A 466 -10.18 21.34 -43.71
C ASP A 466 -8.70 21.71 -43.52
N LYS A 467 -8.01 21.96 -44.63
CA LYS A 467 -6.71 22.65 -44.60
C LYS A 467 -6.90 23.94 -43.79
N SER A 468 -6.03 24.16 -42.79
CA SER A 468 -5.94 25.39 -41.98
C SER A 468 -5.17 26.46 -42.77
N ALA A 469 -4.27 26.05 -43.65
CA ALA A 469 -3.33 26.94 -44.37
C ALA A 469 -2.33 27.54 -43.38
N GLN A 470 -2.23 26.99 -42.17
CA GLN A 470 -1.36 27.56 -41.10
C GLN A 470 -0.34 26.50 -40.62
N CYS A 471 0.04 25.58 -41.52
CA CYS A 471 1.00 24.49 -41.30
C CYS A 471 2.25 24.76 -42.15
N PHE A 472 3.35 25.12 -41.50
CA PHE A 472 4.62 25.56 -42.14
C PHE A 472 5.79 24.63 -41.73
N LYS A 473 6.78 24.55 -42.61
CA LYS A 473 7.99 23.72 -42.42
C LYS A 473 9.20 24.48 -42.98
N MET A 474 10.26 24.56 -42.19
N MET A 474 10.28 24.51 -42.21
CA MET A 474 11.56 25.12 -42.66
CA MET A 474 11.56 25.13 -42.59
C MET A 474 12.66 24.08 -42.42
C MET A 474 12.68 24.10 -42.40
N PHE A 475 13.50 23.90 -43.43
CA PHE A 475 14.70 23.04 -43.40
C PHE A 475 15.86 23.90 -42.93
N TYR A 476 16.31 23.68 -41.69
CA TYR A 476 17.41 24.46 -41.07
C TYR A 476 18.18 23.58 -40.06
N LYS A 477 19.40 23.18 -40.42
CA LYS A 477 20.25 22.31 -39.55
C LYS A 477 20.77 23.13 -38.37
N GLY A 478 21.22 24.35 -38.64
CA GLY A 478 21.72 25.26 -37.61
C GLY A 478 23.00 24.75 -36.96
N VAL A 479 23.01 24.68 -35.63
CA VAL A 479 24.22 24.34 -34.86
C VAL A 479 23.75 23.55 -33.65
N ILE A 480 24.25 22.32 -33.47
CA ILE A 480 23.90 21.46 -32.31
C ILE A 480 25.01 21.55 -31.26
N THR A 481 24.64 21.84 -30.02
CA THR A 481 25.53 21.78 -28.84
C THR A 481 24.98 20.69 -27.92
N HIS A 482 25.83 20.05 -27.12
CA HIS A 482 25.44 18.95 -26.21
C HIS A 482 25.81 19.39 -24.80
N ASP A 483 24.92 19.14 -23.84
CA ASP A 483 25.27 19.23 -22.39
C ASP A 483 25.28 17.78 -21.89
N VAL A 484 25.27 17.59 -20.56
CA VAL A 484 25.58 16.27 -19.93
C VAL A 484 24.71 15.16 -20.52
N SER A 485 23.43 15.42 -20.83
CA SER A 485 22.47 14.37 -21.26
C SER A 485 21.38 14.91 -22.20
N SER A 486 21.64 15.97 -22.96
CA SER A 486 20.60 16.61 -23.83
C SER A 486 21.26 17.38 -24.96
N ALA A 487 20.44 17.89 -25.89
CA ALA A 487 20.87 18.70 -27.05
C ALA A 487 20.16 20.05 -27.05
N ILE A 488 20.81 21.03 -27.64
CA ILE A 488 20.36 22.43 -27.79
C ILE A 488 20.68 22.84 -29.22
N ASN A 489 19.76 23.54 -29.89
CA ASN A 489 20.00 24.10 -31.25
C ASN A 489 19.52 25.58 -31.23
N ARG A 490 20.42 26.48 -30.83
CA ARG A 490 20.14 27.92 -30.61
C ARG A 490 19.75 28.59 -31.92
N PRO A 491 20.47 28.36 -33.03
CA PRO A 491 20.02 28.89 -34.31
C PRO A 491 18.58 28.49 -34.67
N GLN A 492 18.10 27.29 -34.30
CA GLN A 492 16.69 26.89 -34.53
C GLN A 492 15.76 27.73 -33.65
N ILE A 493 16.17 28.04 -32.41
CA ILE A 493 15.40 28.96 -31.53
C ILE A 493 15.46 30.36 -32.15
N GLY A 494 16.64 30.81 -32.59
CA GLY A 494 16.78 32.10 -33.27
C GLY A 494 15.78 32.24 -34.44
N VAL A 495 15.72 31.23 -35.30
CA VAL A 495 14.84 31.23 -36.51
C VAL A 495 13.39 31.43 -36.05
N VAL A 496 13.01 30.77 -34.95
CA VAL A 496 11.64 30.85 -34.37
C VAL A 496 11.43 32.27 -33.82
N ARG A 497 12.45 32.86 -33.22
CA ARG A 497 12.38 34.20 -32.58
C ARG A 497 12.06 35.20 -33.70
N GLU A 498 12.76 35.11 -34.83
CA GLU A 498 12.58 35.98 -36.02
C GLU A 498 11.18 35.75 -36.59
N PHE A 499 10.70 34.50 -36.55
CA PHE A 499 9.38 34.11 -37.09
C PHE A 499 8.27 34.78 -36.28
N LEU A 500 8.44 34.83 -34.96
CA LEU A 500 7.42 35.41 -34.05
C LEU A 500 7.43 36.95 -34.18
N THR A 501 8.56 37.59 -34.53
CA THR A 501 8.57 39.07 -34.73
C THR A 501 7.67 39.38 -35.93
N ARG A 502 7.74 38.58 -37.00
CA ARG A 502 6.97 38.77 -38.25
C ARG A 502 5.55 38.14 -38.16
N ASN A 503 5.22 37.35 -37.13
CA ASN A 503 3.97 36.56 -37.02
C ASN A 503 3.53 36.52 -35.55
N PRO A 504 3.39 37.70 -34.90
CA PRO A 504 3.14 37.76 -33.47
C PRO A 504 1.88 37.07 -32.92
N ALA A 505 0.94 36.67 -33.77
CA ALA A 505 -0.24 35.87 -33.32
C ALA A 505 0.26 34.53 -32.74
N TRP A 506 1.35 34.02 -33.30
CA TRP A 506 1.95 32.71 -32.95
C TRP A 506 2.58 32.75 -31.55
N ARG A 507 2.39 33.84 -30.81
CA ARG A 507 2.87 34.00 -29.42
C ARG A 507 1.91 33.28 -28.48
N LYS A 508 0.78 32.80 -28.98
CA LYS A 508 -0.10 31.88 -28.20
C LYS A 508 0.41 30.43 -28.33
N ALA A 509 1.47 30.17 -29.11
CA ALA A 509 1.93 28.80 -29.42
C ALA A 509 2.59 28.12 -28.20
N VAL A 510 2.41 26.80 -28.10
CA VAL A 510 3.26 25.90 -27.27
C VAL A 510 4.51 25.57 -28.07
N PHE A 511 5.66 25.60 -27.41
CA PHE A 511 6.97 25.20 -28.00
C PHE A 511 7.22 23.73 -27.64
N ILE A 512 7.43 22.90 -28.67
CA ILE A 512 7.76 21.46 -28.48
C ILE A 512 9.10 21.17 -29.15
N SER A 513 9.90 20.33 -28.52
CA SER A 513 11.15 19.76 -29.08
C SER A 513 11.38 18.37 -28.49
N PRO A 514 12.25 17.53 -29.08
CA PRO A 514 12.57 16.24 -28.49
C PRO A 514 13.56 16.30 -27.33
N TYR A 515 14.00 17.48 -26.90
CA TYR A 515 15.08 17.64 -25.88
C TYR A 515 14.71 18.65 -24.80
N ASN A 516 14.81 18.24 -23.54
CA ASN A 516 14.48 19.09 -22.36
C ASN A 516 15.41 20.33 -22.36
N SER A 517 16.69 20.25 -22.75
CA SER A 517 17.59 21.42 -22.71
C SER A 517 17.21 22.42 -23.81
N GLN A 518 16.88 21.95 -25.00
CA GLN A 518 16.35 22.83 -26.07
C GLN A 518 15.18 23.64 -25.46
N ASN A 519 14.27 22.95 -24.78
CA ASN A 519 13.05 23.54 -24.20
C ASN A 519 13.42 24.64 -23.19
N ALA A 520 14.43 24.42 -22.35
CA ALA A 520 14.81 25.34 -21.26
C ALA A 520 15.38 26.63 -21.87
N VAL A 521 16.13 26.49 -22.95
CA VAL A 521 16.72 27.64 -23.69
C VAL A 521 15.59 28.41 -24.39
N ALA A 522 14.67 27.69 -25.06
CA ALA A 522 13.52 28.26 -25.80
C ALA A 522 12.61 29.03 -24.85
N SER A 523 12.48 28.55 -23.62
CA SER A 523 11.61 29.16 -22.59
C SER A 523 12.16 30.56 -22.22
N LYS A 524 13.47 30.68 -22.05
CA LYS A 524 14.14 31.95 -21.73
C LYS A 524 14.00 32.90 -22.93
N ILE A 525 14.37 32.45 -24.14
CA ILE A 525 14.54 33.34 -25.33
C ILE A 525 13.17 33.74 -25.93
N LEU A 526 12.13 32.91 -25.78
CA LEU A 526 10.82 33.04 -26.49
C LEU A 526 9.70 33.32 -25.49
N GLY A 527 9.75 32.71 -24.32
CA GLY A 527 8.69 32.82 -23.32
C GLY A 527 7.46 32.00 -23.66
N LEU A 528 7.50 31.17 -24.69
CA LEU A 528 6.41 30.20 -24.93
C LEU A 528 6.40 29.14 -23.83
N PRO A 529 5.23 28.60 -23.46
CA PRO A 529 5.16 27.34 -22.73
C PRO A 529 5.85 26.26 -23.59
N THR A 530 6.57 25.36 -22.92
CA THR A 530 7.37 24.27 -23.54
C THR A 530 6.87 22.91 -23.06
N GLN A 531 7.04 21.90 -23.90
CA GLN A 531 6.71 20.47 -23.68
C GLN A 531 7.74 19.65 -24.43
N THR A 532 8.17 18.54 -23.87
CA THR A 532 8.85 17.48 -24.66
C THR A 532 7.74 16.78 -25.44
N VAL A 533 8.05 16.32 -26.64
CA VAL A 533 7.09 15.49 -27.41
C VAL A 533 6.46 14.48 -26.47
N ASP A 534 7.30 13.92 -25.59
CA ASP A 534 6.98 12.76 -24.74
C ASP A 534 6.01 13.26 -23.65
N SER A 535 6.18 14.48 -23.12
CA SER A 535 5.22 15.05 -22.13
C SER A 535 3.96 15.59 -22.83
N SER A 536 4.02 15.93 -24.12
CA SER A 536 2.88 16.48 -24.90
C SER A 536 1.84 15.40 -25.27
N GLN A 537 2.24 14.11 -25.29
CA GLN A 537 1.34 12.96 -25.64
C GLN A 537 0.05 13.09 -24.83
N GLY A 538 -1.10 13.19 -25.51
CA GLY A 538 -2.44 13.27 -24.87
C GLY A 538 -2.94 14.70 -24.63
N SER A 539 -2.21 15.73 -25.06
CA SER A 539 -2.59 17.15 -24.90
C SER A 539 -2.79 17.76 -26.27
N GLU A 540 -3.58 18.83 -26.38
CA GLU A 540 -3.75 19.54 -27.67
C GLU A 540 -3.55 21.03 -27.44
N TYR A 541 -3.07 21.73 -28.46
CA TYR A 541 -2.89 23.20 -28.44
C TYR A 541 -3.27 23.73 -29.83
N ASP A 542 -3.81 24.95 -29.91
CA ASP A 542 -4.22 25.58 -31.18
C ASP A 542 -2.99 25.67 -32.07
N TYR A 543 -1.89 26.19 -31.52
CA TYR A 543 -0.64 26.52 -32.25
C TYR A 543 0.56 25.86 -31.56
N VAL A 544 1.38 25.18 -32.36
CA VAL A 544 2.55 24.38 -31.91
C VAL A 544 3.74 24.88 -32.72
N ILE A 545 4.84 25.24 -32.08
CA ILE A 545 6.11 25.47 -32.81
C ILE A 545 7.06 24.33 -32.43
N PHE A 546 7.58 23.60 -33.42
CA PHE A 546 8.43 22.40 -33.18
C PHE A 546 9.80 22.65 -33.81
N THR A 547 10.85 22.58 -32.98
CA THR A 547 12.26 22.51 -33.43
C THR A 547 12.75 21.06 -33.30
N GLN A 548 13.09 20.39 -34.41
CA GLN A 548 13.62 19.01 -34.35
C GLN A 548 14.91 18.96 -33.53
N THR A 549 15.79 19.97 -33.66
CA THR A 549 17.03 20.17 -32.85
C THR A 549 18.21 19.35 -33.38
N THR A 550 18.05 18.03 -33.54
CA THR A 550 19.05 17.08 -34.12
C THR A 550 18.44 16.21 -35.24
N GLU A 551 19.28 15.42 -35.93
CA GLU A 551 18.83 14.32 -36.83
C GLU A 551 19.07 12.94 -36.21
N THR A 552 19.20 12.82 -34.89
CA THR A 552 19.40 11.54 -34.19
C THR A 552 18.25 10.57 -34.48
N ALA A 553 18.42 9.30 -34.10
CA ALA A 553 17.35 8.27 -34.01
C ALA A 553 16.24 8.78 -33.10
N HIS A 554 16.60 9.46 -32.01
CA HIS A 554 15.62 10.03 -31.04
C HIS A 554 14.75 11.10 -31.72
N SER A 555 15.32 12.07 -32.42
CA SER A 555 14.53 13.21 -32.92
C SER A 555 13.85 12.84 -34.25
N CYS A 556 14.17 11.66 -34.83
CA CYS A 556 13.61 11.15 -36.11
C CYS A 556 12.69 9.96 -35.86
N ASN A 557 12.49 9.53 -34.63
CA ASN A 557 11.60 8.38 -34.34
C ASN A 557 10.21 8.73 -34.86
N VAL A 558 9.68 7.95 -35.82
CA VAL A 558 8.42 8.29 -36.54
C VAL A 558 7.26 8.35 -35.53
N ASN A 559 7.26 7.57 -34.45
CA ASN A 559 6.16 7.68 -33.45
C ASN A 559 6.24 9.04 -32.77
N ARG A 560 7.45 9.52 -32.46
CA ARG A 560 7.68 10.77 -31.70
C ARG A 560 7.17 11.93 -32.55
N PHE A 561 7.53 11.92 -33.82
CA PHE A 561 7.17 12.96 -34.81
C PHE A 561 5.65 13.01 -34.98
N ASN A 562 5.05 11.82 -35.14
CA ASN A 562 3.59 11.58 -35.15
C ASN A 562 2.94 12.33 -33.98
N VAL A 563 3.41 12.13 -32.74
CA VAL A 563 2.86 12.81 -31.52
C VAL A 563 3.16 14.32 -31.57
N ALA A 564 4.33 14.71 -32.03
CA ALA A 564 4.76 16.12 -31.99
C ALA A 564 3.73 16.98 -32.76
N ILE A 565 3.49 16.60 -34.01
CA ILE A 565 2.74 17.42 -35.00
C ILE A 565 1.22 17.24 -34.87
N THR A 566 0.73 16.18 -34.20
CA THR A 566 -0.72 15.96 -33.92
C THR A 566 -1.13 16.62 -32.59
N ARG A 567 -0.31 17.52 -32.06
CA ARG A 567 -0.70 18.31 -30.86
C ARG A 567 -1.51 19.53 -31.33
N ALA A 568 -1.34 19.92 -32.60
CA ALA A 568 -1.86 21.19 -33.20
C ALA A 568 -3.34 21.05 -33.62
N LYS A 569 -4.21 21.89 -33.05
CA LYS A 569 -5.64 22.06 -33.47
C LYS A 569 -5.77 22.95 -34.72
N VAL A 570 -4.88 23.92 -34.92
CA VAL A 570 -5.06 25.01 -35.93
C VAL A 570 -3.84 25.14 -36.84
N GLY A 571 -2.68 25.47 -36.28
CA GLY A 571 -1.42 25.69 -37.04
C GLY A 571 -0.19 25.14 -36.33
N ILE A 572 0.87 24.88 -37.10
CA ILE A 572 2.17 24.32 -36.62
C ILE A 572 3.26 24.90 -37.51
N LEU A 573 4.36 25.33 -36.89
CA LEU A 573 5.65 25.60 -37.56
C LEU A 573 6.61 24.47 -37.18
N CYS A 574 7.15 23.73 -38.15
CA CYS A 574 8.18 22.69 -37.93
C CYS A 574 9.51 23.18 -38.50
N ILE A 575 10.48 23.44 -37.62
CA ILE A 575 11.90 23.75 -37.98
C ILE A 575 12.63 22.41 -37.94
N MET A 576 12.94 21.84 -39.11
CA MET A 576 13.43 20.44 -39.24
C MET A 576 14.93 20.41 -39.46
N SER A 577 15.55 19.30 -39.07
CA SER A 577 16.97 18.94 -39.28
C SER A 577 17.05 17.83 -40.33
N ASP A 578 16.06 16.94 -40.32
CA ASP A 578 16.07 15.68 -41.07
C ASP A 578 15.43 15.93 -42.44
N ARG A 579 16.16 15.72 -43.54
CA ARG A 579 15.65 15.95 -44.91
C ARG A 579 14.51 14.97 -45.21
N ASP A 580 14.53 13.80 -44.59
CA ASP A 580 13.50 12.72 -44.74
C ASP A 580 12.14 13.24 -44.25
N LEU A 581 11.94 13.37 -42.93
CA LEU A 581 10.67 13.85 -42.32
C LEU A 581 10.29 15.23 -42.92
N TYR A 582 11.22 16.16 -43.11
CA TYR A 582 10.89 17.43 -43.78
C TYR A 582 10.12 17.14 -45.07
N ASP A 583 10.63 16.23 -45.90
CA ASP A 583 10.08 15.97 -47.25
C ASP A 583 8.73 15.28 -47.10
N LYS A 584 8.52 14.54 -46.01
CA LYS A 584 7.23 13.86 -45.71
C LYS A 584 6.18 14.86 -45.18
N LEU A 585 6.59 16.02 -44.64
CA LEU A 585 5.63 17.03 -44.11
C LEU A 585 4.88 17.65 -45.29
N GLN A 586 3.54 17.50 -45.32
CA GLN A 586 2.64 18.06 -46.36
C GLN A 586 2.20 19.46 -45.89
N PHE A 587 3.19 20.33 -45.71
CA PHE A 587 3.06 21.67 -45.11
C PHE A 587 3.68 22.63 -46.11
N THR A 588 3.36 23.91 -45.98
CA THR A 588 3.95 24.98 -46.80
C THR A 588 5.40 25.14 -46.39
N SER A 589 6.31 25.22 -47.35
CA SER A 589 7.75 25.46 -47.12
C SER A 589 7.99 26.96 -47.00
N LEU A 590 8.90 27.38 -46.11
CA LEU A 590 9.30 28.79 -45.91
C LEU A 590 10.81 28.88 -46.12
N GLU A 591 11.30 29.95 -46.75
CA GLU A 591 12.75 30.22 -46.95
C GLU A 591 13.31 30.75 -45.61
N ILE A 592 14.63 30.65 -45.42
CA ILE A 592 15.37 31.13 -44.22
C ILE A 592 15.66 32.63 -44.40
N PRO A 593 15.18 33.53 -43.51
CA PRO A 593 15.50 34.95 -43.62
C PRO A 593 17.00 35.26 -43.66
N ALA B 1 -26.69 -2.49 -5.89
CA ALA B 1 -27.67 -2.62 -4.76
C ALA B 1 -28.05 -4.09 -4.49
N VAL B 2 -27.34 -5.05 -5.08
CA VAL B 2 -27.55 -6.52 -4.85
C VAL B 2 -26.39 -7.02 -3.99
N GLY B 3 -26.70 -7.66 -2.86
CA GLY B 3 -25.71 -8.18 -1.90
C GLY B 3 -26.27 -9.29 -1.03
N ALA B 4 -25.45 -9.80 -0.12
CA ALA B 4 -25.82 -10.83 0.87
C ALA B 4 -26.35 -10.14 2.12
N CYS B 5 -27.13 -10.88 2.93
CA CYS B 5 -27.79 -10.43 4.18
C CYS B 5 -26.82 -10.60 5.35
N VAL B 6 -26.29 -9.49 5.90
CA VAL B 6 -25.17 -9.50 6.89
C VAL B 6 -25.59 -10.25 8.15
N LEU B 7 -26.76 -10.88 8.20
CA LEU B 7 -27.23 -11.65 9.39
C LEU B 7 -27.41 -13.13 9.07
N CYS B 8 -28.08 -13.47 7.96
CA CYS B 8 -28.41 -14.87 7.56
C CYS B 8 -27.79 -15.22 6.19
N ASN B 9 -27.17 -14.24 5.51
CA ASN B 9 -26.33 -14.43 4.31
C ASN B 9 -27.18 -14.38 3.03
N SER B 10 -28.50 -14.47 3.13
CA SER B 10 -29.46 -14.52 2.00
C SER B 10 -29.23 -13.35 1.03
N GLN B 11 -29.43 -13.57 -0.27
CA GLN B 11 -29.35 -12.52 -1.33
C GLN B 11 -30.47 -11.51 -1.08
N THR B 12 -30.21 -10.20 -1.28
CA THR B 12 -31.23 -9.13 -1.11
C THR B 12 -30.88 -7.90 -1.94
N SER B 13 -31.88 -7.07 -2.21
CA SER B 13 -31.78 -5.74 -2.85
C SER B 13 -31.77 -4.63 -1.78
N LEU B 14 -31.97 -5.00 -0.50
CA LEU B 14 -32.35 -4.07 0.59
C LEU B 14 -31.18 -3.85 1.55
N ARG B 15 -30.67 -2.62 1.62
CA ARG B 15 -29.76 -2.11 2.69
C ARG B 15 -30.51 -1.09 3.55
N CYS B 16 -30.29 -1.10 4.87
CA CYS B 16 -30.79 -0.04 5.81
C CYS B 16 -29.98 1.25 5.60
N GLY B 17 -30.66 2.34 5.23
CA GLY B 17 -30.06 3.67 5.06
C GLY B 17 -29.96 4.40 6.40
N ALA B 18 -30.35 3.74 7.50
CA ALA B 18 -30.32 4.33 8.85
C ALA B 18 -29.01 3.93 9.53
N CYS B 19 -28.62 2.65 9.50
CA CYS B 19 -27.24 2.20 9.86
C CYS B 19 -26.16 3.06 9.18
N ILE B 20 -25.11 3.47 9.91
CA ILE B 20 -23.97 4.29 9.36
C ILE B 20 -23.19 3.49 8.29
N ARG B 21 -23.20 2.15 8.34
CA ARG B 21 -22.47 1.28 7.37
C ARG B 21 -23.32 1.00 6.12
N ARG B 22 -24.66 0.92 6.24
CA ARG B 22 -25.63 0.64 5.15
C ARG B 22 -25.58 -0.83 4.75
N PRO B 23 -25.79 -1.75 5.71
CA PRO B 23 -25.73 -3.18 5.43
C PRO B 23 -26.96 -3.77 4.72
N PHE B 24 -26.69 -4.60 3.70
CA PHE B 24 -27.64 -5.54 3.07
C PHE B 24 -28.38 -6.35 4.15
N LEU B 25 -29.72 -6.25 4.21
CA LEU B 25 -30.60 -7.02 5.14
C LEU B 25 -31.64 -7.80 4.34
N CYS B 26 -31.75 -9.11 4.56
CA CYS B 26 -32.78 -9.96 3.89
C CYS B 26 -34.17 -9.52 4.37
N CYS B 27 -35.14 -9.54 3.47
CA CYS B 27 -36.58 -9.22 3.69
C CYS B 27 -37.03 -9.64 5.10
N LYS B 28 -36.85 -10.90 5.50
CA LYS B 28 -37.34 -11.47 6.79
C LYS B 28 -36.68 -10.74 7.97
N CYS B 29 -35.40 -10.35 7.82
CA CYS B 29 -34.55 -9.73 8.88
C CYS B 29 -34.71 -8.19 8.85
N CYS B 30 -34.73 -7.58 7.66
CA CYS B 30 -34.88 -6.11 7.45
C CYS B 30 -36.17 -5.59 8.08
N TYR B 31 -37.21 -6.42 8.08
CA TYR B 31 -38.46 -6.20 8.85
C TYR B 31 -38.07 -5.96 10.32
N ASP B 32 -37.44 -6.98 10.91
CA ASP B 32 -37.19 -7.09 12.38
C ASP B 32 -36.24 -5.98 12.85
N HIS B 33 -35.42 -5.43 11.96
CA HIS B 33 -34.67 -4.15 12.19
C HIS B 33 -35.66 -2.99 12.29
N VAL B 34 -36.43 -2.71 11.22
CA VAL B 34 -37.23 -1.45 11.11
C VAL B 34 -38.41 -1.47 12.08
N ILE B 35 -38.91 -2.63 12.46
CA ILE B 35 -40.08 -2.71 13.39
C ILE B 35 -39.65 -2.50 14.85
N SER B 36 -38.35 -2.66 15.18
CA SER B 36 -37.83 -2.62 16.59
C SER B 36 -36.93 -1.41 16.86
N THR B 37 -36.44 -0.70 15.83
CA THR B 37 -35.48 0.43 15.95
C THR B 37 -36.08 1.73 15.38
N SER B 38 -35.44 2.88 15.62
CA SER B 38 -35.79 4.16 14.97
C SER B 38 -35.34 4.14 13.50
N HIS B 39 -34.86 2.98 13.03
CA HIS B 39 -34.33 2.79 11.65
C HIS B 39 -35.53 2.44 10.75
N LYS B 40 -35.92 3.37 9.89
CA LYS B 40 -37.13 3.22 9.02
C LYS B 40 -36.72 3.30 7.55
N LEU B 41 -35.68 4.06 7.21
CA LEU B 41 -35.20 4.20 5.81
C LEU B 41 -34.60 2.88 5.31
N VAL B 42 -35.22 2.28 4.29
CA VAL B 42 -34.67 1.14 3.50
C VAL B 42 -34.22 1.71 2.14
N LEU B 43 -33.21 1.08 1.52
CA LEU B 43 -32.71 1.43 0.16
C LEU B 43 -32.64 0.15 -0.68
N SER B 44 -32.81 0.31 -2.00
CA SER B 44 -32.37 -0.62 -3.08
C SER B 44 -31.99 0.24 -4.30
N VAL B 45 -32.04 -0.33 -5.51
CA VAL B 45 -31.78 0.42 -6.77
C VAL B 45 -32.27 1.86 -6.56
N ASN B 46 -33.49 1.99 -6.05
CA ASN B 46 -34.22 3.27 -5.83
C ASN B 46 -34.69 3.31 -4.37
N PRO B 47 -34.63 4.47 -3.67
CA PRO B 47 -35.09 4.53 -2.28
C PRO B 47 -36.57 4.11 -2.09
N TYR B 48 -36.83 3.39 -0.99
CA TYR B 48 -38.19 3.16 -0.42
C TYR B 48 -38.66 4.48 0.22
N VAL B 49 -39.20 5.36 -0.64
CA VAL B 49 -39.78 6.69 -0.31
C VAL B 49 -41.06 6.84 -1.14
N CYS B 50 -42.07 7.56 -0.63
CA CYS B 50 -43.29 7.95 -1.40
C CYS B 50 -42.82 8.62 -2.68
N ASN B 51 -43.28 8.12 -3.84
CA ASN B 51 -42.84 8.61 -5.17
C ASN B 51 -43.72 9.80 -5.58
N ALA B 52 -44.68 10.21 -4.74
CA ALA B 52 -45.65 11.27 -5.02
C ALA B 52 -44.97 12.63 -4.90
N PRO B 53 -45.14 13.55 -5.87
CA PRO B 53 -44.46 14.84 -5.81
C PRO B 53 -44.61 15.52 -4.45
N GLY B 54 -43.49 15.94 -3.85
CA GLY B 54 -43.45 16.81 -2.64
C GLY B 54 -43.65 16.04 -1.35
N CYS B 55 -44.10 14.80 -1.41
CA CYS B 55 -44.35 13.94 -0.21
C CYS B 55 -42.99 13.59 0.40
N ASP B 56 -42.88 13.57 1.73
CA ASP B 56 -41.58 13.42 2.44
C ASP B 56 -41.65 12.20 3.36
N VAL B 57 -42.59 11.27 3.13
CA VAL B 57 -42.71 9.99 3.89
C VAL B 57 -41.63 9.04 3.39
N THR B 58 -40.66 8.72 4.26
CA THR B 58 -39.51 7.81 4.01
C THR B 58 -39.59 6.56 4.91
N ASP B 59 -40.53 6.56 5.88
CA ASP B 59 -40.71 5.46 6.86
C ASP B 59 -41.35 4.27 6.11
N VAL B 60 -40.56 3.22 5.89
CA VAL B 60 -40.93 1.97 5.16
C VAL B 60 -42.23 1.39 5.73
N THR B 61 -42.47 1.58 7.03
CA THR B 61 -43.62 0.98 7.77
C THR B 61 -44.92 1.68 7.35
N GLN B 62 -44.82 2.90 6.80
CA GLN B 62 -45.97 3.72 6.33
C GLN B 62 -46.00 3.79 4.80
N LEU B 63 -45.45 2.79 4.08
CA LEU B 63 -45.31 2.83 2.59
C LEU B 63 -45.90 1.56 1.96
N TYR B 64 -46.17 1.65 0.66
CA TYR B 64 -46.86 0.62 -0.15
C TYR B 64 -46.24 0.53 -1.54
N LEU B 65 -46.35 -0.65 -2.15
CA LEU B 65 -46.09 -0.92 -3.59
C LEU B 65 -47.38 -0.64 -4.39
N GLY B 66 -47.35 0.35 -5.30
CA GLY B 66 -48.41 0.64 -6.28
C GLY B 66 -47.83 0.58 -7.69
N GLY B 67 -48.00 -0.57 -8.37
CA GLY B 67 -47.25 -0.91 -9.59
C GLY B 67 -45.81 -1.26 -9.26
N MET B 68 -44.85 -0.70 -10.01
CA MET B 68 -43.40 -0.84 -9.72
C MET B 68 -43.01 0.12 -8.59
N SER B 69 -43.82 1.18 -8.39
CA SER B 69 -43.49 2.39 -7.58
C SER B 69 -44.06 2.29 -6.14
N TYR B 70 -43.63 3.20 -5.25
CA TYR B 70 -43.90 3.16 -3.79
C TYR B 70 -44.57 4.46 -3.38
N TYR B 71 -45.54 4.38 -2.47
CA TYR B 71 -46.37 5.55 -2.02
C TYR B 71 -46.72 5.36 -0.53
N CYS B 72 -47.02 6.47 0.17
CA CYS B 72 -47.56 6.48 1.56
C CYS B 72 -49.06 6.13 1.55
N LYS B 73 -49.74 6.18 2.70
CA LYS B 73 -51.19 5.87 2.82
C LYS B 73 -52.02 6.95 2.10
N SER B 74 -51.50 8.19 2.07
CA SER B 74 -52.14 9.41 1.48
C SER B 74 -52.07 9.42 -0.06
N HIS B 75 -51.24 8.57 -0.70
CA HIS B 75 -50.89 8.66 -2.15
C HIS B 75 -51.04 7.32 -2.87
N LYS B 76 -51.23 6.21 -2.15
CA LYS B 76 -51.23 4.85 -2.77
C LYS B 76 -52.48 4.71 -3.64
N PRO B 77 -52.41 3.93 -4.74
CA PRO B 77 -53.58 3.60 -5.53
C PRO B 77 -54.41 2.52 -4.84
N PRO B 78 -55.67 2.25 -5.27
CA PRO B 78 -56.49 1.22 -4.65
C PRO B 78 -55.75 -0.14 -4.53
N ILE B 79 -55.20 -0.64 -5.64
CA ILE B 79 -54.44 -1.92 -5.68
C ILE B 79 -53.00 -1.62 -5.24
N SER B 80 -52.70 -1.83 -3.95
CA SER B 80 -51.36 -1.63 -3.33
C SER B 80 -51.18 -2.51 -2.10
N PHE B 81 -50.05 -3.23 -2.06
CA PHE B 81 -49.48 -3.99 -0.92
C PHE B 81 -48.72 -3.03 0.01
N PRO B 82 -48.84 -3.13 1.35
CA PRO B 82 -47.92 -2.43 2.25
C PRO B 82 -46.53 -3.09 2.23
N LEU B 83 -45.46 -2.30 2.15
CA LEU B 83 -44.08 -2.80 1.97
C LEU B 83 -43.72 -3.70 3.17
N CYS B 84 -44.21 -3.38 4.37
CA CYS B 84 -44.01 -4.16 5.61
C CYS B 84 -45.25 -5.03 5.86
N ALA B 85 -45.15 -6.32 5.61
CA ALA B 85 -46.24 -7.30 5.84
C ALA B 85 -45.67 -8.67 6.25
N ASN B 86 -46.49 -9.48 6.93
CA ASN B 86 -46.15 -10.88 7.31
C ASN B 86 -44.65 -10.98 7.55
N GLY B 87 -44.14 -10.23 8.54
CA GLY B 87 -42.76 -10.27 9.04
C GLY B 87 -41.69 -10.06 7.96
N GLN B 88 -42.05 -9.43 6.84
CA GLN B 88 -41.10 -9.16 5.72
C GLN B 88 -41.22 -7.72 5.23
N VAL B 89 -40.24 -7.28 4.45
CA VAL B 89 -40.21 -6.01 3.68
C VAL B 89 -40.03 -6.41 2.21
N PHE B 90 -40.92 -5.97 1.33
CA PHE B 90 -40.92 -6.37 -0.09
C PHE B 90 -39.55 -6.05 -0.70
N GLY B 91 -38.88 -7.08 -1.21
CA GLY B 91 -37.64 -6.98 -2.01
C GLY B 91 -37.43 -8.26 -2.81
N LEU B 92 -36.45 -8.25 -3.71
CA LEU B 92 -36.15 -9.40 -4.61
C LEU B 92 -35.76 -10.61 -3.75
N TYR B 93 -35.88 -11.82 -4.31
CA TYR B 93 -35.34 -13.11 -3.79
C TYR B 93 -36.07 -13.56 -2.51
N LYS B 94 -37.27 -13.01 -2.23
CA LYS B 94 -38.07 -13.30 -1.01
C LYS B 94 -38.42 -14.80 -0.93
N VAL B 103 -31.19 -10.99 15.56
CA VAL B 103 -31.47 -9.61 15.04
C VAL B 103 -31.67 -8.64 16.22
N THR B 104 -32.23 -9.12 17.36
CA THR B 104 -32.15 -8.41 18.67
C THR B 104 -30.78 -7.76 18.76
N ASP B 105 -29.74 -8.60 18.77
CA ASP B 105 -28.30 -8.23 18.89
C ASP B 105 -27.93 -7.29 17.74
N PHE B 106 -28.26 -7.64 16.50
CA PHE B 106 -28.02 -6.75 15.33
C PHE B 106 -28.56 -5.34 15.64
N ASN B 107 -29.76 -5.26 16.23
CA ASN B 107 -30.48 -3.97 16.47
C ASN B 107 -29.68 -3.15 17.49
N ALA B 108 -29.29 -3.76 18.62
CA ALA B 108 -28.52 -3.11 19.70
C ALA B 108 -27.20 -2.54 19.15
N ILE B 109 -26.54 -3.26 18.23
CA ILE B 109 -25.23 -2.87 17.64
C ILE B 109 -25.42 -1.71 16.66
N ALA B 110 -26.43 -1.81 15.79
CA ALA B 110 -26.74 -0.80 14.75
C ALA B 110 -27.04 0.58 15.36
N THR B 111 -27.70 0.61 16.52
CA THR B 111 -28.29 1.83 17.14
C THR B 111 -27.44 2.40 18.30
N CYS B 112 -26.57 1.60 18.95
CA CYS B 112 -25.76 2.02 20.13
C CYS B 112 -24.75 3.11 19.73
N ASP B 113 -24.33 3.94 20.69
CA ASP B 113 -23.39 5.07 20.46
C ASP B 113 -21.95 4.67 20.82
N TRP B 114 -21.74 3.50 21.46
CA TRP B 114 -20.41 2.87 21.76
C TRP B 114 -19.73 3.58 22.94
N THR B 115 -20.51 4.12 23.88
CA THR B 115 -20.05 4.84 25.09
C THR B 115 -20.22 3.91 26.30
N ASN B 116 -20.91 2.78 26.12
CA ASN B 116 -21.26 1.80 27.18
C ASN B 116 -20.40 0.55 26.98
N ALA B 117 -19.93 -0.04 28.08
CA ALA B 117 -19.17 -1.31 28.10
C ALA B 117 -19.99 -2.41 27.39
N GLY B 118 -21.24 -2.60 27.83
CA GLY B 118 -22.24 -3.52 27.27
C GLY B 118 -22.30 -3.52 25.75
N ASP B 119 -21.96 -2.42 25.09
CA ASP B 119 -21.88 -2.34 23.60
C ASP B 119 -20.69 -3.19 23.13
N TYR B 120 -19.55 -3.06 23.81
CA TYR B 120 -18.29 -3.80 23.48
C TYR B 120 -18.52 -5.28 23.80
N ILE B 121 -19.24 -5.55 24.89
CA ILE B 121 -19.54 -6.94 25.35
C ILE B 121 -20.29 -7.67 24.24
N LEU B 122 -21.42 -7.11 23.82
CA LEU B 122 -22.30 -7.66 22.74
C LEU B 122 -21.57 -7.70 21.40
N ALA B 123 -20.67 -6.73 21.10
CA ALA B 123 -19.80 -6.77 19.89
C ALA B 123 -18.85 -7.98 19.92
N ASN B 124 -18.80 -8.72 21.03
CA ASN B 124 -17.80 -9.80 21.25
C ASN B 124 -18.48 -11.12 21.62
N THR B 125 -19.75 -11.11 22.07
CA THR B 125 -20.52 -12.33 22.42
C THR B 125 -21.40 -12.75 21.25
N CYS B 126 -21.48 -11.96 20.19
CA CYS B 126 -22.42 -12.16 19.06
C CYS B 126 -21.86 -13.24 18.11
N THR B 127 -22.59 -13.55 17.04
CA THR B 127 -22.13 -14.37 15.89
C THR B 127 -20.97 -13.64 15.18
N GLU B 128 -20.32 -14.34 14.25
CA GLU B 128 -19.05 -13.94 13.61
C GLU B 128 -19.31 -12.86 12.57
N ARG B 129 -20.37 -12.97 11.76
CA ARG B 129 -20.68 -11.94 10.73
C ARG B 129 -21.12 -10.66 11.45
N LEU B 130 -21.76 -10.78 12.62
CA LEU B 130 -22.12 -9.59 13.44
C LEU B 130 -20.87 -8.90 13.99
N LYS B 131 -19.89 -9.66 14.50
CA LYS B 131 -18.64 -9.08 15.06
C LYS B 131 -18.03 -8.12 14.05
N LEU B 132 -18.09 -8.46 12.75
CA LEU B 132 -17.53 -7.64 11.66
C LEU B 132 -18.37 -6.37 11.47
N PHE B 133 -19.70 -6.49 11.57
CA PHE B 133 -20.64 -5.34 11.41
C PHE B 133 -20.38 -4.39 12.58
N ALA B 134 -20.45 -4.95 13.78
CA ALA B 134 -20.09 -4.34 15.09
C ALA B 134 -18.74 -3.61 14.99
N ALA B 135 -17.67 -4.30 14.59
CA ALA B 135 -16.29 -3.75 14.54
C ALA B 135 -16.23 -2.59 13.54
N GLU B 136 -16.99 -2.70 12.45
CA GLU B 136 -16.96 -1.73 11.31
C GLU B 136 -17.74 -0.47 11.70
N THR B 137 -18.86 -0.67 12.39
CA THR B 137 -19.75 0.42 12.87
C THR B 137 -19.01 1.21 13.95
N LEU B 138 -18.42 0.50 14.91
CA LEU B 138 -17.62 1.10 16.02
C LEU B 138 -16.54 1.97 15.41
N LYS B 139 -15.72 1.40 14.54
CA LYS B 139 -14.60 2.14 13.90
C LYS B 139 -15.16 3.36 13.16
N ALA B 140 -16.30 3.22 12.47
CA ALA B 140 -16.97 4.32 11.73
C ALA B 140 -17.33 5.42 12.73
N THR B 141 -18.13 5.07 13.74
CA THR B 141 -18.53 5.98 14.84
C THR B 141 -17.28 6.66 15.44
N GLU B 142 -16.24 5.89 15.74
CA GLU B 142 -14.95 6.41 16.30
C GLU B 142 -14.40 7.51 15.39
N GLU B 143 -14.35 7.26 14.08
CA GLU B 143 -13.71 8.19 13.11
C GLU B 143 -14.58 9.44 12.93
N THR B 144 -15.90 9.26 12.69
CA THR B 144 -16.87 10.36 12.43
C THR B 144 -17.00 11.25 13.68
N PHE B 145 -16.62 10.76 14.87
CA PHE B 145 -16.57 11.58 16.11
C PHE B 145 -15.33 12.49 16.10
N LYS B 146 -14.26 12.13 15.40
CA LYS B 146 -12.99 12.92 15.38
C LYS B 146 -13.24 14.27 14.70
N LEU B 147 -14.25 14.35 13.84
CA LEU B 147 -14.66 15.59 13.13
C LEU B 147 -15.26 16.59 14.13
N SER B 148 -15.57 16.15 15.36
CA SER B 148 -16.35 16.91 16.37
C SER B 148 -15.43 17.70 17.32
N TYR B 149 -14.12 17.46 17.31
CA TYR B 149 -13.13 18.17 18.15
C TYR B 149 -12.80 19.53 17.52
N GLY B 150 -12.15 20.42 18.29
CA GLY B 150 -11.82 21.81 17.89
C GLY B 150 -10.46 21.88 17.21
N ILE B 151 -10.36 22.63 16.11
CA ILE B 151 -9.12 22.83 15.30
C ILE B 151 -8.18 23.76 16.10
N ALA B 152 -6.91 23.38 16.23
CA ALA B 152 -5.87 24.11 17.02
C ALA B 152 -4.86 24.76 16.05
N THR B 153 -4.83 26.10 16.01
CA THR B 153 -3.83 26.89 15.25
C THR B 153 -2.86 27.52 16.26
N VAL B 154 -1.58 27.58 15.90
CA VAL B 154 -0.45 28.10 16.75
C VAL B 154 -0.52 29.63 16.74
N ARG B 155 -0.81 30.24 17.89
CA ARG B 155 -0.82 31.72 18.07
C ARG B 155 0.62 32.25 17.95
N GLU B 156 1.60 31.53 18.49
CA GLU B 156 3.04 31.87 18.38
C GLU B 156 3.94 30.65 18.71
N VAL B 157 5.14 30.61 18.11
CA VAL B 157 6.20 29.57 18.31
C VAL B 157 7.15 30.04 19.43
N LEU B 158 7.42 29.21 20.45
CA LEU B 158 8.37 29.56 21.54
C LEU B 158 9.78 29.04 21.19
N SER B 159 9.95 27.71 21.13
CA SER B 159 11.27 27.05 20.90
C SER B 159 11.11 25.95 19.83
N ASP B 160 12.03 24.98 19.85
CA ASP B 160 12.11 23.83 18.90
C ASP B 160 11.29 22.65 19.43
N ARG B 161 10.64 22.81 20.60
CA ARG B 161 9.79 21.74 21.21
C ARG B 161 8.66 22.33 22.08
N GLU B 162 8.37 23.64 22.01
CA GLU B 162 7.27 24.28 22.79
C GLU B 162 6.62 25.41 21.98
N LEU B 163 5.32 25.62 22.17
CA LEU B 163 4.56 26.73 21.52
C LEU B 163 3.31 27.08 22.35
N HIS B 164 2.55 28.09 21.91
CA HIS B 164 1.24 28.52 22.49
C HIS B 164 0.13 28.27 21.46
N LEU B 165 -0.90 27.50 21.85
CA LEU B 165 -2.01 27.06 20.95
C LEU B 165 -3.28 27.89 21.22
N SER B 166 -3.99 28.24 20.14
CA SER B 166 -5.35 28.86 20.14
C SER B 166 -6.36 27.88 19.53
N TRP B 167 -7.39 27.50 20.31
CA TRP B 167 -8.40 26.45 20.00
C TRP B 167 -9.69 27.08 19.47
N GLU B 168 -10.33 26.46 18.46
CA GLU B 168 -11.59 26.95 17.85
C GLU B 168 -12.69 27.00 18.92
N VAL B 169 -13.45 28.10 18.94
CA VAL B 169 -14.56 28.40 19.91
C VAL B 169 -15.67 27.35 19.74
N GLY B 170 -16.32 26.97 20.87
CA GLY B 170 -17.59 26.22 20.92
C GLY B 170 -17.48 24.76 20.49
N LYS B 171 -16.27 24.18 20.48
CA LYS B 171 -16.01 22.74 20.22
C LYS B 171 -15.01 22.23 21.25
N PRO B 172 -15.10 20.95 21.69
CA PRO B 172 -14.25 20.44 22.76
C PRO B 172 -12.76 20.40 22.36
N ARG B 173 -11.88 20.29 23.36
CA ARG B 173 -10.41 20.17 23.19
C ARG B 173 -10.00 18.72 23.41
N PRO B 174 -9.25 18.08 22.48
CA PRO B 174 -8.72 16.74 22.71
C PRO B 174 -7.66 16.75 23.81
N PRO B 175 -7.55 15.67 24.62
CA PRO B 175 -6.53 15.62 25.67
C PRO B 175 -5.13 15.60 25.03
N LEU B 176 -4.28 16.55 25.42
CA LEU B 176 -2.91 16.72 24.84
C LEU B 176 -1.97 15.71 25.50
N ASN B 177 -1.91 14.50 24.92
CA ASN B 177 -1.05 13.37 25.36
C ASN B 177 -0.39 12.76 24.12
N ARG B 178 0.35 11.66 24.27
CA ARG B 178 0.99 10.90 23.16
C ARG B 178 -0.07 10.14 22.34
N ASN B 179 -1.26 9.94 22.91
CA ASN B 179 -2.37 9.11 22.33
C ASN B 179 -2.97 9.80 21.10
N TYR B 180 -3.19 11.11 21.15
CA TYR B 180 -3.88 11.92 20.11
C TYR B 180 -2.84 12.54 19.18
N VAL B 181 -2.73 12.00 17.96
CA VAL B 181 -1.76 12.46 16.91
C VAL B 181 -2.52 13.32 15.89
N PHE B 182 -2.15 14.59 15.77
CA PHE B 182 -2.77 15.60 14.88
C PHE B 182 -1.94 15.73 13.61
N THR B 183 -2.59 16.05 12.48
CA THR B 183 -1.94 16.36 11.19
C THR B 183 -1.89 17.90 11.04
N GLY B 184 -0.70 18.43 10.74
CA GLY B 184 -0.46 19.86 10.51
C GLY B 184 -0.73 20.24 9.07
N TYR B 185 -1.11 21.51 8.84
CA TYR B 185 -1.49 22.05 7.51
C TYR B 185 -1.10 23.54 7.43
N GLN B 194 0.21 19.33 4.38
CA GLN B 194 0.29 18.21 5.36
C GLN B 194 1.73 18.15 5.93
N ILE B 195 2.11 19.16 6.72
CA ILE B 195 3.49 19.37 7.25
C ILE B 195 3.83 18.29 8.30
N GLY B 196 3.37 17.05 8.10
CA GLY B 196 3.68 15.91 8.97
C GLY B 196 2.83 15.87 10.22
N GLU B 197 2.79 14.71 10.88
CA GLU B 197 2.02 14.44 12.12
C GLU B 197 2.74 15.11 13.29
N TYR B 198 2.00 15.50 14.34
CA TYR B 198 2.54 16.12 15.58
C TYR B 198 1.75 15.63 16.79
N THR B 199 2.44 15.40 17.92
CA THR B 199 1.84 15.18 19.27
C THR B 199 2.21 16.38 20.16
N PHE B 200 1.49 16.54 21.28
CA PHE B 200 1.56 17.68 22.23
C PHE B 200 1.61 17.17 23.68
N GLU B 201 2.07 18.02 24.62
CA GLU B 201 2.04 17.80 26.08
C GLU B 201 2.16 19.14 26.83
N LYS B 202 1.37 19.34 27.89
CA LYS B 202 1.32 20.62 28.67
C LYS B 202 2.71 20.95 29.23
N ASP B 207 0.15 28.35 29.63
CA ASP B 207 -0.38 28.17 28.24
C ASP B 207 0.55 27.28 27.41
N ALA B 208 1.86 27.29 27.70
CA ALA B 208 2.93 26.61 26.93
C ALA B 208 2.63 25.10 26.78
N VAL B 209 2.73 24.60 25.55
CA VAL B 209 2.57 23.16 25.16
C VAL B 209 3.89 22.66 24.55
N VAL B 210 4.23 21.39 24.81
CA VAL B 210 5.42 20.68 24.26
C VAL B 210 5.01 19.95 22.97
N TYR B 211 5.45 20.45 21.81
CA TYR B 211 5.11 19.93 20.45
C TYR B 211 6.22 18.98 19.97
N ARG B 212 5.83 17.85 19.35
CA ARG B 212 6.76 16.81 18.85
C ARG B 212 6.43 16.52 17.38
N GLY B 213 7.23 17.05 16.46
CA GLY B 213 7.08 16.82 15.01
C GLY B 213 7.74 15.52 14.58
N THR B 214 6.99 14.64 13.91
CA THR B 214 7.53 13.47 13.16
C THR B 214 8.52 14.01 12.12
N THR B 215 8.12 15.08 11.42
CA THR B 215 8.97 15.88 10.49
C THR B 215 9.51 17.11 11.22
N THR B 216 10.83 17.29 11.28
CA THR B 216 11.49 18.53 11.77
C THR B 216 11.20 19.66 10.77
N TYR B 217 10.44 20.68 11.17
CA TYR B 217 9.90 21.73 10.25
C TYR B 217 9.72 23.07 10.97
N LYS B 218 10.31 24.13 10.40
CA LYS B 218 10.14 25.56 10.83
C LYS B 218 8.64 25.90 10.74
N LEU B 219 7.86 25.42 11.72
CA LEU B 219 6.38 25.52 11.77
C LEU B 219 5.95 26.97 12.02
N ASN B 220 5.23 27.56 11.06
CA ASN B 220 4.87 29.01 11.04
C ASN B 220 3.79 29.27 12.11
N VAL B 221 3.43 30.54 12.29
CA VAL B 221 2.17 31.01 12.97
C VAL B 221 1.06 31.04 11.90
N GLY B 222 -0.12 30.54 12.22
CA GLY B 222 -1.24 30.39 11.26
C GLY B 222 -1.35 28.97 10.75
N ASP B 223 -0.23 28.24 10.71
CA ASP B 223 -0.20 26.76 10.51
C ASP B 223 -1.11 26.14 11.58
N TYR B 224 -2.06 25.28 11.18
CA TYR B 224 -3.09 24.68 12.06
C TYR B 224 -2.97 23.16 12.05
N PHE B 225 -3.33 22.52 13.17
CA PHE B 225 -3.29 21.05 13.41
C PHE B 225 -4.71 20.52 13.52
N VAL B 226 -4.96 19.32 12.96
CA VAL B 226 -6.29 18.61 12.97
C VAL B 226 -6.04 17.13 13.19
N LEU B 227 -7.02 16.41 13.77
CA LEU B 227 -6.93 14.95 14.07
C LEU B 227 -7.26 14.14 12.81
N THR B 228 -6.35 13.23 12.43
CA THR B 228 -6.37 12.44 11.15
C THR B 228 -7.59 11.52 11.13
N SER B 229 -8.65 11.92 10.41
CA SER B 229 -9.90 11.15 10.22
C SER B 229 -9.78 10.25 9.00
N HIS B 230 -9.29 9.01 9.19
CA HIS B 230 -9.10 7.98 8.13
C HIS B 230 -10.45 7.29 7.85
N THR B 231 -10.81 7.14 6.58
CA THR B 231 -12.07 6.47 6.13
C THR B 231 -11.96 4.97 6.43
N VAL B 232 -13.04 4.39 6.96
CA VAL B 232 -13.10 3.00 7.48
C VAL B 232 -13.47 2.07 6.33
N MET B 233 -12.51 1.30 5.80
CA MET B 233 -12.77 0.29 4.76
C MET B 233 -13.70 -0.78 5.34
N PRO B 234 -14.57 -1.39 4.52
CA PRO B 234 -15.35 -2.55 4.98
C PRO B 234 -14.46 -3.76 5.24
N LEU B 235 -14.92 -4.65 6.13
CA LEU B 235 -14.27 -5.92 6.51
C LEU B 235 -14.92 -7.02 5.67
N SER B 236 -14.30 -8.21 5.62
CA SER B 236 -14.80 -9.41 4.89
C SER B 236 -14.35 -10.68 5.61
N ALA B 237 -13.06 -10.80 5.88
CA ALA B 237 -12.48 -11.98 6.56
C ALA B 237 -13.04 -12.02 7.98
N PRO B 238 -13.23 -13.23 8.55
CA PRO B 238 -13.64 -13.34 9.94
C PRO B 238 -12.51 -12.87 10.88
N THR B 239 -12.83 -12.67 12.17
CA THR B 239 -11.81 -12.32 13.21
C THR B 239 -10.84 -13.48 13.31
N LEU B 240 -11.41 -14.69 13.40
CA LEU B 240 -10.76 -16.01 13.51
C LEU B 240 -11.28 -16.94 12.42
N VAL B 241 -10.44 -17.34 11.47
CA VAL B 241 -10.76 -18.46 10.52
C VAL B 241 -11.25 -19.64 11.35
N PRO B 242 -12.19 -20.47 10.84
CA PRO B 242 -12.75 -21.55 11.66
C PRO B 242 -11.61 -22.50 12.04
N GLN B 243 -11.69 -23.14 13.22
CA GLN B 243 -10.62 -24.02 13.75
C GLN B 243 -10.53 -25.27 12.86
N GLU B 244 -9.30 -25.77 12.64
CA GLU B 244 -9.02 -27.11 12.07
C GLU B 244 -7.95 -27.81 12.92
N HIS B 245 -8.28 -28.96 13.51
CA HIS B 245 -7.32 -29.88 14.19
C HIS B 245 -6.92 -31.00 13.23
N TYR B 246 -5.62 -31.27 13.13
CA TYR B 246 -5.03 -32.36 12.31
C TYR B 246 -4.41 -33.38 13.27
N VAL B 247 -4.10 -34.57 12.75
CA VAL B 247 -3.47 -35.71 13.48
C VAL B 247 -1.96 -35.67 13.25
N ARG B 248 -1.50 -34.81 12.35
CA ARG B 248 -0.08 -34.71 11.91
C ARG B 248 0.25 -33.26 11.55
N ILE B 249 1.53 -32.89 11.70
CA ILE B 249 2.08 -31.51 11.49
C ILE B 249 1.85 -31.14 10.02
N THR B 250 0.76 -30.44 9.75
CA THR B 250 0.27 -30.12 8.39
C THR B 250 1.10 -28.94 7.84
N GLY B 251 1.65 -29.06 6.62
CA GLY B 251 2.21 -27.95 5.83
C GLY B 251 3.59 -27.49 6.28
N LEU B 252 4.12 -28.07 7.37
CA LEU B 252 5.39 -27.64 8.01
C LEU B 252 6.32 -28.84 8.13
N TYR B 253 7.63 -28.60 8.19
CA TYR B 253 8.69 -29.65 8.20
C TYR B 253 9.67 -29.37 9.35
N PRO B 254 9.54 -30.11 10.47
CA PRO B 254 10.32 -29.84 11.68
C PRO B 254 11.80 -30.27 11.59
N THR B 255 12.71 -29.50 12.19
CA THR B 255 14.15 -29.86 12.39
C THR B 255 14.26 -31.03 13.38
N LEU B 256 15.45 -31.64 13.44
CA LEU B 256 15.86 -32.71 14.39
C LEU B 256 17.14 -32.29 15.11
N ASN B 257 17.38 -30.98 15.17
CA ASN B 257 18.68 -30.36 15.53
C ASN B 257 18.44 -29.00 16.22
N ILE B 258 17.33 -28.85 16.94
CA ILE B 258 16.88 -27.56 17.55
C ILE B 258 17.75 -27.28 18.78
N SER B 259 18.43 -26.14 18.81
CA SER B 259 19.33 -25.74 19.92
C SER B 259 18.60 -25.97 21.26
N ASP B 260 19.32 -26.49 22.26
CA ASP B 260 18.86 -26.68 23.67
C ASP B 260 18.03 -25.47 24.11
N GLU B 261 18.47 -24.27 23.71
CA GLU B 261 17.93 -22.94 24.11
C GLU B 261 16.41 -22.88 23.85
N PHE B 262 15.90 -23.68 22.90
CA PHE B 262 14.47 -23.72 22.47
C PHE B 262 13.84 -25.12 22.64
N SER B 263 14.44 -26.00 23.45
CA SER B 263 13.97 -27.39 23.71
C SER B 263 12.62 -27.39 24.45
N SER B 264 12.45 -26.48 25.41
CA SER B 264 11.25 -26.41 26.29
C SER B 264 9.99 -26.21 25.44
N ASN B 265 10.11 -25.58 24.26
CA ASN B 265 8.95 -25.13 23.44
C ASN B 265 8.56 -26.16 22.36
N VAL B 266 9.12 -27.37 22.34
CA VAL B 266 8.96 -28.29 21.17
C VAL B 266 7.52 -28.79 21.10
N ALA B 267 6.93 -29.22 22.22
CA ALA B 267 5.54 -29.76 22.25
C ALA B 267 4.54 -28.68 21.81
N ASN B 268 4.77 -27.42 22.19
CA ASN B 268 3.96 -26.24 21.78
C ASN B 268 4.14 -25.98 20.27
N TYR B 269 5.37 -26.16 19.77
CA TYR B 269 5.71 -26.03 18.33
C TYR B 269 5.01 -27.13 17.52
N GLN B 270 4.75 -28.29 18.12
CA GLN B 270 4.07 -29.43 17.44
C GLN B 270 2.56 -29.21 17.50
N LYS B 271 2.07 -28.48 18.50
CA LYS B 271 0.63 -28.10 18.60
C LYS B 271 0.34 -27.07 17.50
N VAL B 272 1.20 -26.04 17.36
CA VAL B 272 1.08 -24.98 16.31
C VAL B 272 0.88 -25.65 14.94
N GLY B 273 1.61 -26.74 14.67
CA GLY B 273 1.64 -27.45 13.37
C GLY B 273 0.44 -28.35 13.16
N MET B 274 -0.23 -28.78 14.23
CA MET B 274 -1.37 -29.74 14.21
C MET B 274 -2.71 -29.03 14.44
N GLN B 275 -2.77 -27.71 14.24
CA GLN B 275 -4.01 -26.87 14.34
C GLN B 275 -3.93 -25.75 13.29
N LYS B 276 -5.06 -25.15 12.92
CA LYS B 276 -5.11 -23.97 11.99
C LYS B 276 -4.63 -22.74 12.76
N TYR B 277 -5.23 -22.45 13.93
CA TYR B 277 -4.83 -21.31 14.79
C TYR B 277 -4.54 -21.84 16.20
N SER B 278 -3.67 -21.13 16.92
CA SER B 278 -3.27 -21.45 18.31
C SER B 278 -3.15 -20.17 19.14
N THR B 279 -3.54 -20.25 20.42
CA THR B 279 -3.48 -19.17 21.43
C THR B 279 -2.34 -19.45 22.43
N LEU B 280 -1.40 -18.51 22.54
CA LEU B 280 -0.36 -18.51 23.61
C LEU B 280 -0.60 -17.34 24.58
N GLN B 281 -0.98 -17.66 25.82
CA GLN B 281 -0.95 -16.73 26.98
C GLN B 281 0.43 -16.81 27.64
N GLY B 282 1.21 -15.75 27.46
CA GLY B 282 2.52 -15.57 28.11
C GLY B 282 2.52 -14.32 28.98
N PRO B 283 2.26 -14.45 30.32
CA PRO B 283 2.56 -13.42 31.31
C PRO B 283 3.91 -12.77 31.07
N PRO B 284 4.21 -11.65 31.76
CA PRO B 284 5.45 -10.92 31.51
C PRO B 284 6.68 -11.76 31.85
N GLY B 285 7.68 -11.73 30.96
CA GLY B 285 9.03 -12.29 31.17
C GLY B 285 9.05 -13.81 31.02
N THR B 286 7.99 -14.41 30.47
CA THR B 286 7.80 -15.88 30.37
C THR B 286 8.32 -16.41 29.04
N GLY B 287 8.91 -15.55 28.20
CA GLY B 287 9.50 -15.95 26.90
C GLY B 287 8.52 -16.05 25.73
N LYS B 288 7.61 -15.09 25.56
CA LYS B 288 6.75 -15.02 24.35
C LYS B 288 7.64 -14.79 23.14
N SER B 289 8.48 -13.76 23.20
CA SER B 289 9.41 -13.36 22.12
C SER B 289 10.28 -14.57 21.71
N HIS B 290 10.78 -15.28 22.72
CA HIS B 290 11.61 -16.50 22.61
C HIS B 290 10.81 -17.55 21.83
N PHE B 291 9.57 -17.76 22.22
CA PHE B 291 8.65 -18.74 21.59
C PHE B 291 8.38 -18.37 20.13
N ALA B 292 8.14 -17.09 19.85
CA ALA B 292 7.82 -16.57 18.50
C ALA B 292 8.99 -16.87 17.54
N ILE B 293 10.21 -16.52 17.95
CA ILE B 293 11.46 -16.66 17.13
C ILE B 293 11.84 -18.14 17.12
N GLY B 294 11.65 -18.83 18.23
CA GLY B 294 11.92 -20.28 18.34
C GLY B 294 11.10 -21.08 17.34
N LEU B 295 9.96 -20.55 16.92
CA LEU B 295 9.04 -21.19 15.95
C LEU B 295 9.77 -21.33 14.61
N ALA B 296 10.57 -20.33 14.27
CA ALA B 296 11.30 -20.17 12.99
C ALA B 296 12.43 -21.21 12.90
N LEU B 297 13.10 -21.48 14.02
CA LEU B 297 14.25 -22.42 14.13
C LEU B 297 13.73 -23.87 14.09
N TYR B 298 12.50 -24.12 14.55
CA TYR B 298 11.89 -25.48 14.57
C TYR B 298 11.27 -25.80 13.21
N TYR B 299 10.73 -24.79 12.52
CA TYR B 299 10.21 -24.89 11.13
C TYR B 299 11.04 -23.97 10.25
N PRO B 300 12.33 -24.32 10.03
CA PRO B 300 13.31 -23.40 9.45
C PRO B 300 13.14 -23.00 7.98
N SER B 301 12.34 -23.74 7.20
CA SER B 301 12.04 -23.46 5.76
C SER B 301 10.72 -22.69 5.64
N ALA B 302 9.90 -22.68 6.70
CA ALA B 302 8.57 -22.02 6.75
C ALA B 302 8.73 -20.50 6.63
N ARG B 303 7.94 -19.88 5.74
CA ARG B 303 7.78 -18.42 5.62
C ARG B 303 6.87 -17.95 6.76
N ILE B 304 7.36 -17.01 7.57
CA ILE B 304 6.67 -16.51 8.79
C ILE B 304 6.51 -15.00 8.67
N VAL B 305 5.26 -14.54 8.76
CA VAL B 305 4.93 -13.10 8.95
C VAL B 305 4.75 -12.88 10.45
N TYR B 306 5.51 -11.91 10.97
CA TYR B 306 5.46 -11.43 12.36
C TYR B 306 4.70 -10.09 12.33
N THR B 307 3.60 -10.00 13.06
CA THR B 307 2.74 -8.79 13.08
C THR B 307 2.28 -8.46 14.52
N ALA B 308 2.12 -7.17 14.80
CA ALA B 308 1.41 -6.58 15.97
C ALA B 308 0.80 -5.23 15.54
N CYS B 309 -0.08 -4.66 16.36
CA CYS B 309 -0.76 -3.38 16.07
C CYS B 309 0.27 -2.24 16.10
N SER B 310 1.16 -2.22 17.09
CA SER B 310 2.13 -1.09 17.30
C SER B 310 3.47 -1.38 16.61
N HIS B 311 4.21 -0.32 16.32
CA HIS B 311 5.60 -0.39 15.78
C HIS B 311 6.56 -0.92 16.86
N ALA B 312 6.33 -0.57 18.14
CA ALA B 312 7.16 -1.05 19.27
C ALA B 312 7.11 -2.58 19.35
N ALA B 313 5.93 -3.19 19.22
CA ALA B 313 5.76 -4.66 19.33
C ALA B 313 6.50 -5.35 18.19
N VAL B 314 6.48 -4.78 16.97
CA VAL B 314 7.12 -5.38 15.76
C VAL B 314 8.64 -5.17 15.85
N ASP B 315 9.07 -3.99 16.32
CA ASP B 315 10.50 -3.64 16.61
C ASP B 315 11.09 -4.60 17.65
N ALA B 316 10.32 -5.00 18.65
CA ALA B 316 10.70 -6.00 19.66
C ALA B 316 10.95 -7.36 18.98
N LEU B 317 10.00 -7.86 18.19
CA LEU B 317 10.15 -9.18 17.50
C LEU B 317 11.40 -9.14 16.62
N CYS B 318 11.71 -7.98 16.01
CA CYS B 318 12.86 -7.77 15.08
C CYS B 318 14.17 -7.91 15.85
N GLU B 319 14.28 -7.28 17.04
CA GLU B 319 15.46 -7.36 17.93
C GLU B 319 15.71 -8.83 18.28
N LYS B 320 14.70 -9.53 18.79
CA LYS B 320 14.82 -10.98 19.10
C LYS B 320 15.26 -11.74 17.84
N ALA B 321 14.65 -11.45 16.69
CA ALA B 321 14.97 -12.13 15.41
C ALA B 321 16.44 -11.87 15.03
N LEU B 322 16.91 -10.63 15.20
CA LEU B 322 18.31 -10.25 14.83
C LEU B 322 19.31 -11.19 15.52
N LYS B 323 19.00 -11.64 16.74
CA LYS B 323 19.89 -12.51 17.55
C LYS B 323 19.88 -13.97 17.04
N TYR B 324 18.81 -14.46 16.40
CA TYR B 324 18.66 -15.92 16.12
C TYR B 324 18.44 -16.25 14.65
N LEU B 325 17.97 -15.32 13.82
CA LEU B 325 17.55 -15.64 12.42
C LEU B 325 18.50 -14.94 11.45
N PRO B 326 18.90 -15.62 10.34
CA PRO B 326 19.79 -15.01 9.36
C PRO B 326 19.21 -13.67 8.85
N ILE B 327 19.98 -12.59 8.99
CA ILE B 327 19.57 -11.20 8.64
C ILE B 327 19.19 -11.09 7.15
N ASP B 328 19.76 -11.92 6.28
CA ASP B 328 19.53 -11.87 4.81
C ASP B 328 18.07 -12.23 4.49
N LYS B 329 17.39 -12.97 5.38
CA LYS B 329 16.04 -13.54 5.15
C LYS B 329 15.00 -12.79 6.01
N CYS B 330 15.32 -11.59 6.48
CA CYS B 330 14.44 -10.75 7.36
C CYS B 330 14.19 -9.38 6.72
N SER B 331 12.92 -9.04 6.46
CA SER B 331 12.48 -7.69 5.98
C SER B 331 11.53 -7.03 6.97
N ARG B 332 11.77 -5.76 7.27
CA ARG B 332 10.90 -4.88 8.11
C ARG B 332 10.05 -4.02 7.16
N ILE B 333 8.73 -4.22 7.12
CA ILE B 333 7.78 -3.54 6.19
C ILE B 333 7.34 -2.22 6.83
N ILE B 334 7.65 -1.10 6.19
CA ILE B 334 7.41 0.27 6.74
C ILE B 334 6.50 1.03 5.78
N PRO B 335 5.35 1.57 6.24
CA PRO B 335 4.44 2.32 5.37
C PRO B 335 5.17 3.53 4.77
N ALA B 336 4.91 3.81 3.48
CA ALA B 336 5.54 4.87 2.67
C ALA B 336 5.36 6.24 3.34
N ARG B 337 4.27 6.39 4.13
CA ARG B 337 4.02 7.55 5.02
C ARG B 337 4.50 7.19 6.44
N ALA B 338 5.80 6.89 6.57
CA ALA B 338 6.46 6.46 7.83
C ALA B 338 6.20 7.50 8.93
N ARG B 339 5.80 7.03 10.12
CA ARG B 339 5.23 7.84 11.23
C ARG B 339 6.22 7.92 12.41
N VAL B 340 6.98 6.84 12.65
CA VAL B 340 7.98 6.73 13.76
C VAL B 340 9.29 6.19 13.16
N GLU B 341 10.38 6.26 13.92
CA GLU B 341 11.62 5.50 13.64
C GLU B 341 11.32 4.02 13.92
N CYS B 342 11.85 3.12 13.08
CA CYS B 342 11.67 1.65 13.19
C CYS B 342 13.02 0.93 13.14
N PHE B 343 12.99 -0.37 13.39
CA PHE B 343 14.13 -1.30 13.26
C PHE B 343 14.82 -1.04 11.91
N ASP B 344 16.09 -0.60 11.94
CA ASP B 344 16.90 -0.21 10.75
C ASP B 344 17.78 -1.38 10.28
N LYS B 345 18.00 -2.39 11.11
CA LYS B 345 19.02 -3.46 10.87
C LYS B 345 18.55 -4.49 9.83
N PHE B 346 17.34 -4.37 9.27
CA PHE B 346 16.86 -5.32 8.22
C PHE B 346 16.76 -4.61 6.86
N LYS B 347 16.73 -5.39 5.76
CA LYS B 347 16.29 -4.94 4.42
C LYS B 347 14.84 -4.45 4.55
N VAL B 348 14.56 -3.20 4.15
CA VAL B 348 13.23 -2.53 4.32
C VAL B 348 12.35 -2.74 3.07
N ASN B 349 11.17 -3.34 3.25
CA ASN B 349 10.04 -3.37 2.26
C ASN B 349 10.28 -4.47 1.21
N SER B 350 11.08 -5.50 1.53
CA SER B 350 11.26 -6.70 0.68
C SER B 350 10.26 -7.79 1.10
N THR B 351 8.97 -7.42 1.11
CA THR B 351 7.78 -8.29 1.20
C THR B 351 8.05 -9.79 0.98
N LEU B 352 9.00 -10.18 0.14
CA LEU B 352 9.13 -11.59 -0.31
C LEU B 352 10.26 -12.33 0.44
N GLU B 353 10.86 -11.71 1.46
CA GLU B 353 11.85 -12.39 2.34
C GLU B 353 11.11 -13.43 3.20
N GLN B 354 11.80 -14.50 3.62
CA GLN B 354 11.17 -15.61 4.42
C GLN B 354 10.56 -15.05 5.72
N TYR B 355 11.19 -14.02 6.31
CA TYR B 355 10.79 -13.40 7.60
C TYR B 355 10.37 -11.95 7.33
N VAL B 356 9.10 -11.65 7.61
CA VAL B 356 8.45 -10.33 7.38
C VAL B 356 7.89 -9.80 8.70
N PHE B 357 8.26 -8.57 9.06
CA PHE B 357 7.93 -7.90 10.34
C PHE B 357 7.18 -6.63 10.02
N CYS B 358 5.87 -6.61 10.30
CA CYS B 358 4.93 -5.56 9.83
C CYS B 358 3.80 -5.34 10.83
N THR B 359 3.52 -4.06 11.13
CA THR B 359 2.28 -3.60 11.82
C THR B 359 1.07 -4.00 10.97
N VAL B 360 -0.02 -4.40 11.63
CA VAL B 360 -1.29 -4.86 10.99
C VAL B 360 -1.70 -3.89 9.88
N ASN B 361 -1.70 -2.59 10.15
CA ASN B 361 -2.30 -1.57 9.24
C ASN B 361 -1.35 -1.29 8.07
N ALA B 362 -0.20 -1.97 7.96
CA ALA B 362 0.76 -1.85 6.84
C ALA B 362 0.91 -3.19 6.10
N LEU B 363 0.27 -4.26 6.58
CA LEU B 363 0.48 -5.62 6.03
C LEU B 363 0.20 -5.59 4.52
N PRO B 364 1.02 -6.30 3.72
CA PRO B 364 0.65 -6.55 2.33
C PRO B 364 -0.40 -7.67 2.23
N GLU B 365 -0.98 -7.85 1.05
CA GLU B 365 -1.72 -9.07 0.65
C GLU B 365 -0.66 -10.11 0.28
N THR B 366 -0.58 -11.23 1.00
CA THR B 366 0.43 -12.29 0.74
C THR B 366 -0.02 -13.60 1.38
N THR B 367 0.83 -14.62 1.24
CA THR B 367 0.65 -15.96 1.82
C THR B 367 1.78 -16.18 2.82
N ALA B 368 1.61 -17.17 3.70
CA ALA B 368 2.61 -17.59 4.69
C ALA B 368 2.28 -18.99 5.21
N ASP B 369 3.31 -19.74 5.59
CA ASP B 369 3.17 -21.05 6.30
C ASP B 369 2.65 -20.77 7.71
N ILE B 370 3.24 -19.76 8.37
CA ILE B 370 2.91 -19.38 9.78
C ILE B 370 2.81 -17.85 9.85
N VAL B 371 1.69 -17.36 10.39
CA VAL B 371 1.52 -15.96 10.86
C VAL B 371 1.59 -15.97 12.39
N VAL B 372 2.49 -15.16 12.95
CA VAL B 372 2.57 -14.86 14.42
C VAL B 372 2.04 -13.45 14.62
N PHE B 373 0.97 -13.34 15.39
CA PHE B 373 0.31 -12.06 15.78
C PHE B 373 0.55 -11.87 17.28
N ASP B 374 1.41 -10.91 17.63
CA ASP B 374 1.91 -10.68 19.01
C ASP B 374 1.10 -9.56 19.67
N GLU B 375 1.26 -9.37 20.99
CA GLU B 375 0.61 -8.32 21.83
C GLU B 375 -0.89 -8.32 21.51
N ILE B 376 -1.53 -9.47 21.65
CA ILE B 376 -2.89 -9.76 21.11
C ILE B 376 -3.92 -9.03 21.95
N SER B 377 -3.62 -8.73 23.20
CA SER B 377 -4.54 -8.00 24.11
C SER B 377 -4.74 -6.57 23.58
N MET B 378 -3.77 -5.99 22.88
CA MET B 378 -3.88 -4.66 22.23
C MET B 378 -4.68 -4.73 20.91
N ALA B 379 -4.93 -5.91 20.36
CA ALA B 379 -5.67 -6.04 19.06
C ALA B 379 -7.16 -5.80 19.30
N THR B 380 -7.81 -5.15 18.33
CA THR B 380 -9.30 -5.05 18.19
C THR B 380 -9.78 -6.11 17.20
N ASN B 381 -11.08 -6.43 17.22
CA ASN B 381 -11.73 -7.34 16.23
C ASN B 381 -11.50 -6.83 14.78
N TYR B 382 -11.56 -5.51 14.57
CA TYR B 382 -11.17 -4.89 13.28
C TYR B 382 -9.79 -5.40 12.85
N ASP B 383 -8.80 -5.32 13.76
CA ASP B 383 -7.39 -5.74 13.53
C ASP B 383 -7.34 -7.24 13.18
N LEU B 384 -8.01 -8.09 13.96
CA LEU B 384 -8.06 -9.56 13.71
C LEU B 384 -8.63 -9.86 12.32
N SER B 385 -9.69 -9.15 11.92
CA SER B 385 -10.32 -9.25 10.58
C SER B 385 -9.29 -8.89 9.49
N VAL B 386 -8.73 -7.68 9.52
CA VAL B 386 -7.73 -7.19 8.52
C VAL B 386 -6.61 -8.23 8.37
N VAL B 387 -6.15 -8.86 9.44
CA VAL B 387 -5.04 -9.83 9.35
C VAL B 387 -5.52 -10.98 8.46
N ASN B 388 -6.68 -11.57 8.77
CA ASN B 388 -7.22 -12.74 8.03
C ASN B 388 -7.51 -12.35 6.57
N ALA B 389 -7.79 -11.05 6.31
CA ALA B 389 -8.08 -10.49 4.98
C ALA B 389 -6.82 -10.46 4.12
N ARG B 390 -5.69 -10.04 4.70
CA ARG B 390 -4.43 -9.74 3.97
C ARG B 390 -3.47 -10.95 3.96
N LEU B 391 -3.56 -11.88 4.91
CA LEU B 391 -2.61 -13.03 5.04
C LEU B 391 -3.36 -14.36 4.92
N ARG B 392 -3.14 -15.06 3.80
CA ARG B 392 -3.54 -16.48 3.59
C ARG B 392 -2.38 -17.36 4.04
N ALA B 393 -2.63 -18.22 5.04
CA ALA B 393 -1.58 -18.86 5.85
C ALA B 393 -2.02 -20.25 6.33
N LYS B 394 -1.07 -21.19 6.43
CA LYS B 394 -1.34 -22.60 6.85
C LYS B 394 -1.67 -22.62 8.34
N HIS B 395 -0.99 -21.77 9.13
CA HIS B 395 -1.18 -21.63 10.60
C HIS B 395 -1.11 -20.18 11.06
N TYR B 396 -2.02 -19.81 11.95
CA TYR B 396 -2.10 -18.50 12.66
C TYR B 396 -1.75 -18.72 14.14
N VAL B 397 -0.77 -17.96 14.66
CA VAL B 397 -0.40 -18.03 16.11
C VAL B 397 -0.61 -16.66 16.75
N TYR B 398 -1.51 -16.65 17.73
CA TYR B 398 -1.93 -15.48 18.53
C TYR B 398 -1.21 -15.51 19.89
N ILE B 399 -0.30 -14.55 20.07
CA ILE B 399 0.54 -14.39 21.28
C ILE B 399 0.18 -13.09 22.04
N GLY B 400 -0.12 -13.23 23.32
CA GLY B 400 -0.12 -12.12 24.28
C GLY B 400 -0.66 -12.59 25.62
N ASP B 401 -1.38 -11.70 26.30
CA ASP B 401 -1.84 -11.95 27.69
C ASP B 401 -3.10 -11.13 27.88
N PRO B 402 -4.25 -11.78 28.20
CA PRO B 402 -5.46 -11.03 28.52
C PRO B 402 -5.42 -10.32 29.88
N ALA B 403 -4.37 -10.54 30.69
CA ALA B 403 -4.20 -9.82 31.98
C ALA B 403 -3.34 -8.56 31.78
N GLN B 404 -3.01 -8.25 30.53
CA GLN B 404 -2.35 -6.97 30.17
C GLN B 404 -3.35 -6.04 29.47
N LEU B 405 -2.84 -4.94 28.93
CA LEU B 405 -3.67 -3.76 28.55
C LEU B 405 -4.29 -3.96 27.17
N PRO B 406 -5.59 -3.59 27.04
CA PRO B 406 -6.28 -3.55 25.75
C PRO B 406 -6.06 -2.21 25.04
N ALA B 407 -6.41 -2.12 23.76
CA ALA B 407 -6.46 -0.82 23.03
C ALA B 407 -7.40 0.12 23.76
N PRO B 408 -7.11 1.42 23.83
CA PRO B 408 -8.05 2.38 24.38
C PRO B 408 -9.30 2.43 23.49
N ARG B 409 -10.50 2.29 24.05
CA ARG B 409 -11.79 2.59 23.35
C ARG B 409 -12.12 4.05 23.64
N THR B 410 -11.71 4.97 22.79
CA THR B 410 -11.78 6.43 23.04
C THR B 410 -13.23 6.87 23.25
N LEU B 411 -14.23 6.10 22.81
CA LEU B 411 -15.67 6.47 22.97
C LEU B 411 -16.22 5.92 24.29
N LEU B 412 -15.71 4.80 24.79
CA LEU B 412 -16.21 4.13 26.03
C LEU B 412 -15.91 5.03 27.23
N THR B 413 -16.96 5.47 27.94
CA THR B 413 -16.88 6.29 29.17
C THR B 413 -17.66 5.61 30.31
N LYS B 414 -18.53 4.65 30.00
CA LYS B 414 -19.42 4.02 31.03
C LYS B 414 -19.14 2.52 31.13
N GLY B 415 -18.77 2.05 32.33
CA GLY B 415 -18.46 0.63 32.61
C GLY B 415 -17.06 0.27 32.18
N THR B 416 -16.54 -0.82 32.73
CA THR B 416 -15.16 -1.31 32.46
C THR B 416 -15.26 -2.53 31.52
N LEU B 417 -14.39 -2.53 30.52
CA LEU B 417 -14.25 -3.63 29.53
C LEU B 417 -13.35 -4.72 30.14
N GLU B 418 -13.96 -5.83 30.56
CA GLU B 418 -13.25 -7.02 31.10
C GLU B 418 -12.45 -7.69 29.97
N PRO B 419 -11.35 -8.42 30.32
CA PRO B 419 -10.46 -9.05 29.33
C PRO B 419 -11.10 -10.01 28.32
N GLU B 420 -12.15 -10.71 28.74
CA GLU B 420 -12.92 -11.64 27.88
C GLU B 420 -13.65 -10.89 26.74
N TYR B 421 -13.72 -9.57 26.77
CA TYR B 421 -14.42 -8.74 25.75
C TYR B 421 -13.42 -7.90 24.93
N PHE B 422 -12.11 -8.06 25.17
CA PHE B 422 -11.02 -7.29 24.51
C PHE B 422 -11.09 -7.51 23.00
N ASN B 423 -11.22 -8.77 22.57
CA ASN B 423 -11.27 -9.25 21.16
C ASN B 423 -11.60 -10.74 21.19
N SER B 424 -11.74 -11.40 20.04
CA SER B 424 -12.17 -12.82 19.93
C SER B 424 -11.13 -13.75 20.55
N VAL B 425 -9.84 -13.47 20.37
CA VAL B 425 -8.70 -14.29 20.91
C VAL B 425 -8.76 -14.26 22.45
N CYS B 426 -8.83 -13.08 23.07
CA CYS B 426 -8.91 -12.96 24.55
C CYS B 426 -10.18 -13.64 25.04
N ARG B 427 -11.29 -13.52 24.30
CA ARG B 427 -12.54 -14.18 24.70
C ARG B 427 -12.27 -15.68 24.85
N LEU B 428 -11.68 -16.30 23.82
CA LEU B 428 -11.35 -17.75 23.85
C LEU B 428 -10.41 -18.03 25.03
N MET B 429 -9.34 -17.25 25.17
CA MET B 429 -8.36 -17.41 26.27
C MET B 429 -9.06 -17.35 27.63
N LYS B 430 -10.11 -16.53 27.80
CA LYS B 430 -10.75 -16.32 29.12
C LYS B 430 -11.87 -17.33 29.37
N THR B 431 -12.39 -17.96 28.32
CA THR B 431 -13.56 -18.88 28.42
C THR B 431 -13.07 -20.32 28.44
N ILE B 432 -12.55 -20.84 27.32
CA ILE B 432 -12.11 -22.26 27.15
C ILE B 432 -10.61 -22.40 27.44
N GLY B 433 -9.95 -21.31 27.85
CA GLY B 433 -8.51 -21.33 28.17
C GLY B 433 -7.68 -21.16 26.91
N PRO B 434 -6.39 -20.75 27.07
CA PRO B 434 -5.49 -20.62 25.94
C PRO B 434 -4.98 -22.03 25.56
N ASP B 435 -4.48 -22.21 24.32
CA ASP B 435 -3.96 -23.51 23.85
C ASP B 435 -2.72 -23.84 24.69
N MET B 436 -1.90 -22.84 24.95
CA MET B 436 -0.57 -22.98 25.58
C MET B 436 -0.39 -21.84 26.60
N PHE B 437 0.31 -22.11 27.70
CA PHE B 437 0.57 -21.14 28.80
C PHE B 437 2.04 -21.21 29.18
N LEU B 438 2.79 -20.12 28.92
CA LEU B 438 4.15 -19.92 29.50
C LEU B 438 4.00 -19.56 30.99
N GLY B 439 4.51 -20.41 31.87
CA GLY B 439 4.05 -20.53 33.27
C GLY B 439 5.09 -20.05 34.29
N THR B 440 6.30 -19.70 33.84
CA THR B 440 7.39 -19.32 34.76
C THR B 440 7.94 -17.97 34.30
N CYS B 441 7.81 -16.95 35.15
CA CYS B 441 8.38 -15.59 34.92
C CYS B 441 9.88 -15.61 35.27
N ARG B 442 10.73 -15.23 34.34
CA ARG B 442 12.20 -15.20 34.49
C ARG B 442 12.66 -13.76 34.72
N ARG B 443 11.78 -12.77 34.59
CA ARG B 443 12.18 -11.35 34.68
C ARG B 443 12.16 -10.84 36.14
N CYS B 444 11.15 -11.19 36.94
CA CYS B 444 10.75 -10.36 38.11
C CYS B 444 11.15 -11.01 39.43
N PRO B 445 11.55 -10.20 40.44
CA PRO B 445 11.76 -10.69 41.80
C PRO B 445 10.50 -11.40 42.30
N ALA B 446 10.64 -12.47 43.07
CA ALA B 446 9.49 -13.33 43.46
C ALA B 446 8.37 -12.50 44.12
N GLU B 447 8.70 -11.39 44.77
CA GLU B 447 7.72 -10.51 45.48
C GLU B 447 6.66 -10.05 44.46
N ILE B 448 7.12 -9.60 43.31
CA ILE B 448 6.28 -9.19 42.14
C ILE B 448 5.54 -10.39 41.55
N VAL B 449 6.25 -11.46 41.19
CA VAL B 449 5.66 -12.67 40.55
C VAL B 449 4.55 -13.22 41.46
N ASP B 450 4.79 -13.32 42.76
CA ASP B 450 3.79 -13.87 43.72
C ASP B 450 2.56 -12.93 43.75
N THR B 451 2.74 -11.62 43.58
CA THR B 451 1.62 -10.65 43.70
C THR B 451 0.71 -10.83 42.48
N VAL B 452 1.28 -10.72 41.28
CA VAL B 452 0.48 -10.78 40.05
C VAL B 452 -0.09 -12.20 39.89
N SER B 453 0.64 -13.24 40.31
CA SER B 453 0.21 -14.66 40.17
C SER B 453 -1.17 -14.80 40.81
N ALA B 454 -1.35 -14.24 42.00
CA ALA B 454 -2.59 -14.34 42.78
C ALA B 454 -3.66 -13.37 42.24
N LEU B 455 -3.24 -12.22 41.71
CA LEU B 455 -4.13 -11.12 41.24
C LEU B 455 -4.86 -11.53 39.95
N VAL B 456 -4.13 -11.99 38.93
CA VAL B 456 -4.66 -12.13 37.55
C VAL B 456 -4.39 -13.52 36.96
N TYR B 457 -3.59 -14.37 37.60
CA TYR B 457 -3.09 -15.62 36.97
C TYR B 457 -3.52 -16.85 37.76
N ASP B 458 -4.55 -16.73 38.61
CA ASP B 458 -5.09 -17.82 39.47
C ASP B 458 -3.93 -18.68 40.00
N ASN B 459 -2.89 -18.04 40.54
CA ASN B 459 -1.74 -18.70 41.21
C ASN B 459 -1.00 -19.64 40.26
N LYS B 460 -1.17 -19.53 38.95
CA LYS B 460 -0.55 -20.43 37.94
C LYS B 460 0.84 -19.90 37.51
N LEU B 461 1.18 -18.64 37.84
CA LEU B 461 2.49 -18.04 37.42
C LEU B 461 3.54 -18.28 38.50
N LYS B 462 4.65 -18.92 38.14
CA LYS B 462 5.73 -19.30 39.07
C LYS B 462 6.92 -18.36 38.93
N ALA B 463 7.61 -18.10 40.05
CA ALA B 463 8.82 -17.25 40.14
C ALA B 463 10.03 -18.11 39.80
N HIS B 464 10.83 -17.72 38.81
CA HIS B 464 12.18 -18.29 38.61
C HIS B 464 13.17 -17.62 39.57
N LYS B 465 13.17 -16.28 39.62
CA LYS B 465 14.08 -15.50 40.48
C LYS B 465 13.67 -15.67 41.95
N ASP B 466 14.65 -15.44 42.83
CA ASP B 466 14.47 -15.30 44.30
C ASP B 466 13.79 -13.95 44.56
N LYS B 467 13.15 -13.80 45.73
CA LYS B 467 12.83 -12.48 46.32
C LYS B 467 14.09 -11.61 46.23
N SER B 468 14.00 -10.37 45.75
CA SER B 468 15.14 -9.43 45.60
C SER B 468 15.42 -8.74 46.94
N ALA B 469 14.41 -8.60 47.82
CA ALA B 469 14.44 -7.69 48.98
C ALA B 469 14.74 -6.24 48.54
N GLN B 470 14.38 -5.88 47.31
CA GLN B 470 14.44 -4.50 46.76
C GLN B 470 13.07 -4.09 46.19
N CYS B 471 11.99 -4.65 46.73
CA CYS B 471 10.59 -4.40 46.34
C CYS B 471 9.87 -3.77 47.53
N PHE B 472 9.58 -2.47 47.45
CA PHE B 472 8.96 -1.66 48.54
C PHE B 472 7.62 -1.07 48.12
N LYS B 473 6.75 -0.94 49.11
CA LYS B 473 5.40 -0.36 49.00
C LYS B 473 5.26 0.71 50.09
N MET B 474 4.61 1.83 49.78
CA MET B 474 4.30 2.87 50.79
C MET B 474 2.86 3.32 50.57
N PHE B 475 2.04 3.29 51.63
CA PHE B 475 0.65 3.79 51.54
C PHE B 475 0.68 5.29 51.84
N TYR B 476 0.51 6.12 50.81
CA TYR B 476 0.59 7.59 50.93
C TYR B 476 -0.32 8.30 49.92
N LYS B 477 -1.57 8.63 50.32
CA LYS B 477 -2.59 9.22 49.40
C LYS B 477 -2.14 10.61 48.89
N GLY B 478 -1.41 11.39 49.69
CA GLY B 478 -0.88 12.68 49.23
C GLY B 478 -2.02 13.61 48.83
N VAL B 479 -1.86 14.36 47.74
CA VAL B 479 -2.87 15.38 47.34
C VAL B 479 -2.99 15.30 45.82
N ILE B 480 -4.22 15.20 45.30
CA ILE B 480 -4.49 14.99 43.85
C ILE B 480 -4.92 16.34 43.27
N THR B 481 -4.09 16.88 42.38
CA THR B 481 -4.43 18.03 41.50
C THR B 481 -4.65 17.45 40.11
N HIS B 482 -5.21 18.24 39.21
CA HIS B 482 -5.65 17.81 37.87
C HIS B 482 -5.29 18.86 36.83
N ASP B 483 -4.70 18.43 35.72
CA ASP B 483 -4.37 19.24 34.53
C ASP B 483 -5.41 18.84 33.48
N VAL B 484 -6.54 19.56 33.48
CA VAL B 484 -7.81 19.12 32.85
C VAL B 484 -8.28 17.89 33.64
N SER B 485 -8.21 16.69 33.04
CA SER B 485 -8.65 15.39 33.62
C SER B 485 -7.42 14.56 34.06
N SER B 486 -6.28 14.70 33.37
CA SER B 486 -5.01 14.03 33.74
C SER B 486 -4.61 14.45 35.16
N ALA B 487 -4.11 13.51 35.96
CA ALA B 487 -3.98 13.66 37.43
C ALA B 487 -2.50 13.86 37.81
N ILE B 488 -2.27 14.52 38.94
CA ILE B 488 -0.93 14.89 39.47
C ILE B 488 -0.95 14.67 40.98
N ASN B 489 0.13 14.17 41.56
CA ASN B 489 0.27 13.98 43.02
C ASN B 489 1.69 14.39 43.46
N ARG B 490 1.87 15.68 43.75
CA ARG B 490 3.17 16.28 44.10
C ARG B 490 3.70 15.66 45.39
N PRO B 491 2.90 15.52 46.46
CA PRO B 491 3.39 14.87 47.65
C PRO B 491 3.93 13.43 47.38
N GLN B 492 3.30 12.69 46.47
CA GLN B 492 3.77 11.32 46.11
C GLN B 492 5.11 11.43 45.40
N ILE B 493 5.34 12.48 44.63
CA ILE B 493 6.67 12.72 43.99
C ILE B 493 7.67 13.18 45.06
N GLY B 494 7.20 13.89 46.09
CA GLY B 494 8.03 14.40 47.18
C GLY B 494 8.59 13.24 47.98
N VAL B 495 7.73 12.31 48.37
CA VAL B 495 8.10 11.03 49.04
C VAL B 495 9.15 10.29 48.20
N VAL B 496 9.02 10.24 46.87
CA VAL B 496 10.00 9.54 45.98
C VAL B 496 11.36 10.24 46.10
N ARG B 497 11.37 11.57 46.07
CA ARG B 497 12.62 12.37 46.15
C ARG B 497 13.31 12.06 47.50
N GLU B 498 12.53 11.91 48.58
CA GLU B 498 13.10 11.60 49.92
C GLU B 498 13.79 10.24 49.84
N PHE B 499 13.07 9.23 49.37
CA PHE B 499 13.58 7.85 49.13
C PHE B 499 14.89 7.88 48.35
N LEU B 500 14.96 8.69 47.30
CA LEU B 500 16.10 8.62 46.33
C LEU B 500 17.40 9.03 47.01
N THR B 501 17.36 10.04 47.90
CA THR B 501 18.56 10.59 48.59
C THR B 501 19.21 9.46 49.40
N ARG B 502 18.43 8.51 49.94
CA ARG B 502 18.88 7.44 50.88
C ARG B 502 19.05 6.10 50.15
N ASN B 503 18.67 6.03 48.88
CA ASN B 503 18.61 4.77 48.12
C ASN B 503 19.22 5.00 46.72
N PRO B 504 20.51 5.39 46.61
CA PRO B 504 21.04 5.98 45.38
C PRO B 504 21.24 4.98 44.23
N ALA B 505 21.07 3.68 44.48
CA ALA B 505 21.06 2.61 43.43
C ALA B 505 19.86 2.84 42.48
N TRP B 506 18.81 3.51 42.97
CA TRP B 506 17.55 3.75 42.22
C TRP B 506 17.67 5.00 41.35
N ARG B 507 18.82 5.66 41.35
CA ARG B 507 19.01 6.93 40.60
C ARG B 507 18.79 6.68 39.11
N LYS B 508 18.90 5.43 38.67
CA LYS B 508 18.76 5.00 37.26
C LYS B 508 17.35 4.41 37.04
N ALA B 509 16.47 4.49 38.03
CA ALA B 509 15.09 3.94 37.97
C ALA B 509 14.29 4.69 36.90
N VAL B 510 13.43 3.96 36.19
CA VAL B 510 12.33 4.51 35.36
C VAL B 510 11.19 4.88 36.29
N PHE B 511 10.67 6.11 36.20
CA PHE B 511 9.45 6.59 36.89
C PHE B 511 8.22 6.19 36.06
N ILE B 512 7.23 5.55 36.70
CA ILE B 512 6.01 5.06 36.02
C ILE B 512 4.80 5.49 36.83
N SER B 513 3.76 5.95 36.14
CA SER B 513 2.46 6.35 36.77
C SER B 513 1.38 6.15 35.75
N PRO B 514 0.11 6.05 36.18
CA PRO B 514 -0.98 5.94 35.22
C PRO B 514 -1.35 7.25 34.50
N TYR B 515 -0.61 8.35 34.69
CA TYR B 515 -0.99 9.72 34.22
C TYR B 515 0.20 10.49 33.62
N ASN B 516 0.03 10.99 32.39
CA ASN B 516 1.06 11.78 31.66
C ASN B 516 1.48 12.99 32.50
N SER B 517 0.53 13.66 33.14
CA SER B 517 0.82 14.97 33.78
C SER B 517 1.63 14.71 35.05
N GLN B 518 1.35 13.65 35.80
CA GLN B 518 2.20 13.17 36.92
C GLN B 518 3.61 12.89 36.39
N ASN B 519 3.72 12.19 35.27
CA ASN B 519 5.02 11.85 34.62
C ASN B 519 5.73 13.18 34.32
N ALA B 520 5.02 14.17 33.78
CA ALA B 520 5.57 15.48 33.37
C ALA B 520 6.16 16.18 34.58
N VAL B 521 5.49 16.10 35.74
CA VAL B 521 5.98 16.73 37.00
C VAL B 521 7.17 15.93 37.56
N ALA B 522 7.11 14.59 37.58
CA ALA B 522 8.18 13.69 38.09
C ALA B 522 9.46 13.91 37.27
N SER B 523 9.30 14.19 35.98
CA SER B 523 10.41 14.50 35.05
C SER B 523 11.18 15.72 35.58
N LYS B 524 10.49 16.85 35.82
CA LYS B 524 11.09 18.13 36.28
C LYS B 524 11.79 17.95 37.63
N ILE B 525 11.11 17.40 38.63
CA ILE B 525 11.59 17.39 40.06
C ILE B 525 12.68 16.33 40.24
N LEU B 526 12.49 15.11 39.68
CA LEU B 526 13.32 13.90 39.92
C LEU B 526 14.44 13.75 38.88
N GLY B 527 14.14 14.06 37.62
CA GLY B 527 15.07 13.93 36.50
C GLY B 527 15.14 12.51 35.98
N LEU B 528 14.31 11.60 36.48
CA LEU B 528 14.29 10.18 36.01
C LEU B 528 13.64 10.13 34.64
N PRO B 529 14.01 9.16 33.77
CA PRO B 529 13.22 8.86 32.58
C PRO B 529 11.80 8.44 33.00
N THR B 530 10.84 8.67 32.12
CA THR B 530 9.41 8.70 32.48
C THR B 530 8.61 7.83 31.49
N GLN B 531 7.59 7.15 31.99
CA GLN B 531 6.81 6.17 31.22
C GLN B 531 5.41 6.07 31.86
N THR B 532 4.33 6.19 31.08
CA THR B 532 2.95 5.82 31.50
C THR B 532 2.91 4.30 31.61
N VAL B 533 2.01 3.74 32.43
CA VAL B 533 1.92 2.28 32.53
C VAL B 533 1.74 1.69 31.12
N ASP B 534 0.81 2.27 30.36
CA ASP B 534 0.35 1.80 29.02
C ASP B 534 1.53 1.84 28.04
N SER B 535 2.43 2.83 28.11
CA SER B 535 3.61 2.90 27.20
C SER B 535 4.72 1.94 27.66
N SER B 536 4.74 1.52 28.93
CA SER B 536 5.79 0.65 29.54
C SER B 536 5.58 -0.82 29.13
N GLN B 537 4.38 -1.19 28.69
CA GLN B 537 4.01 -2.59 28.35
C GLN B 537 4.97 -3.11 27.29
N GLY B 538 5.54 -4.31 27.49
CA GLY B 538 6.51 -4.95 26.58
C GLY B 538 7.97 -4.63 26.91
N SER B 539 8.21 -3.65 27.78
CA SER B 539 9.54 -3.14 28.20
C SER B 539 9.88 -3.66 29.60
N GLU B 540 11.16 -3.62 29.97
CA GLU B 540 11.67 -4.03 31.31
C GLU B 540 12.83 -3.12 31.74
N TYR B 541 12.95 -2.88 33.04
CA TYR B 541 13.98 -2.00 33.65
C TYR B 541 14.44 -2.60 34.97
N ASP B 542 15.71 -2.38 35.31
CA ASP B 542 16.32 -2.87 36.58
C ASP B 542 15.45 -2.38 37.72
N TYR B 543 15.27 -1.06 37.82
CA TYR B 543 14.47 -0.43 38.90
C TYR B 543 13.31 0.38 38.32
N VAL B 544 12.17 0.28 38.98
CA VAL B 544 10.92 0.99 38.63
C VAL B 544 10.50 1.76 39.87
N ILE B 545 10.10 3.02 39.74
CA ILE B 545 9.30 3.73 40.78
C ILE B 545 7.90 3.94 40.19
N PHE B 546 6.87 3.46 40.88
CA PHE B 546 5.44 3.62 40.54
C PHE B 546 4.75 4.48 41.61
N THR B 547 4.17 5.59 41.21
CA THR B 547 3.18 6.39 42.00
C THR B 547 1.82 6.12 41.39
N GLN B 548 0.89 5.53 42.14
CA GLN B 548 -0.50 5.29 41.67
C GLN B 548 -1.18 6.63 41.32
N THR B 549 -0.82 7.72 42.00
CA THR B 549 -1.35 9.09 41.76
C THR B 549 -2.77 9.22 42.32
N THR B 550 -3.75 8.48 41.77
CA THR B 550 -5.17 8.55 42.24
C THR B 550 -5.73 7.17 42.59
N GLU B 551 -6.88 7.16 43.26
CA GLU B 551 -7.80 6.00 43.37
C GLU B 551 -8.96 6.27 42.39
N THR B 552 -8.74 5.90 41.13
CA THR B 552 -9.75 5.89 40.04
C THR B 552 -9.79 4.50 39.41
N ALA B 553 -10.88 4.15 38.73
CA ALA B 553 -11.00 2.89 37.99
C ALA B 553 -9.75 2.71 37.10
N HIS B 554 -9.24 3.79 36.52
CA HIS B 554 -8.03 3.79 35.64
C HIS B 554 -6.79 3.34 36.44
N SER B 555 -6.53 3.95 37.60
CA SER B 555 -5.28 3.74 38.36
C SER B 555 -5.37 2.42 39.14
N CYS B 556 -6.57 1.89 39.31
CA CYS B 556 -6.83 0.68 40.13
C CYS B 556 -7.12 -0.52 39.23
N ASN B 557 -7.10 -0.32 37.92
CA ASN B 557 -7.34 -1.44 37.00
C ASN B 557 -6.25 -2.49 37.27
N VAL B 558 -6.64 -3.72 37.64
CA VAL B 558 -5.73 -4.84 38.01
C VAL B 558 -4.83 -5.17 36.83
N ASN B 559 -5.31 -5.03 35.59
CA ASN B 559 -4.49 -5.34 34.40
C ASN B 559 -3.36 -4.32 34.31
N ARG B 560 -3.65 -3.04 34.55
CA ARG B 560 -2.68 -1.92 34.42
C ARG B 560 -1.69 -2.07 35.58
N PHE B 561 -2.19 -2.44 36.75
CA PHE B 561 -1.37 -2.68 37.96
C PHE B 561 -0.39 -3.83 37.70
N ASN B 562 -0.90 -4.94 37.14
CA ASN B 562 -0.10 -6.11 36.69
C ASN B 562 1.03 -5.61 35.78
N VAL B 563 0.74 -4.89 34.71
CA VAL B 563 1.83 -4.39 33.81
C VAL B 563 2.80 -3.51 34.61
N ALA B 564 2.29 -2.58 35.42
CA ALA B 564 3.10 -1.55 36.09
C ALA B 564 4.26 -2.24 36.83
N ILE B 565 3.96 -3.26 37.64
CA ILE B 565 4.92 -3.79 38.64
C ILE B 565 5.84 -4.86 38.03
N THR B 566 5.42 -5.47 36.89
CA THR B 566 6.13 -6.52 36.13
C THR B 566 7.04 -5.90 35.06
N ARG B 567 7.25 -4.59 35.08
CA ARG B 567 8.34 -4.00 34.26
C ARG B 567 9.71 -4.25 34.94
N ALA B 568 9.76 -4.53 36.25
CA ALA B 568 10.98 -4.45 37.10
C ALA B 568 11.76 -5.79 37.13
N LYS B 569 13.07 -5.72 36.87
CA LYS B 569 13.97 -6.91 36.91
C LYS B 569 14.57 -7.10 38.31
N VAL B 570 14.80 -6.02 39.07
CA VAL B 570 15.59 -6.05 40.35
C VAL B 570 14.77 -5.45 41.49
N GLY B 571 14.40 -4.18 41.38
CA GLY B 571 13.63 -3.47 42.42
C GLY B 571 12.44 -2.68 41.90
N ILE B 572 11.46 -2.48 42.78
CA ILE B 572 10.31 -1.59 42.53
C ILE B 572 9.96 -0.87 43.84
N LEU B 573 9.68 0.43 43.76
CA LEU B 573 9.02 1.24 44.81
C LEU B 573 7.61 1.62 44.32
N CYS B 574 6.60 1.20 45.08
CA CYS B 574 5.18 1.45 44.84
C CYS B 574 4.67 2.38 45.93
N ILE B 575 4.42 3.63 45.56
CA ILE B 575 3.71 4.63 46.38
C ILE B 575 2.25 4.51 45.97
N MET B 576 1.43 3.94 46.86
CA MET B 576 0.05 3.48 46.56
C MET B 576 -1.01 4.44 47.13
N SER B 577 -2.16 4.52 46.46
CA SER B 577 -3.36 5.31 46.90
C SER B 577 -4.49 4.37 47.36
N ASP B 578 -4.47 3.13 46.87
CA ASP B 578 -5.54 2.11 47.01
C ASP B 578 -5.15 1.12 48.12
N ARG B 579 -5.95 1.06 49.18
CA ARG B 579 -5.71 0.18 50.36
C ARG B 579 -5.69 -1.26 49.87
N ASP B 580 -6.71 -1.61 49.10
CA ASP B 580 -6.90 -2.91 48.41
C ASP B 580 -5.56 -3.37 47.80
N LEU B 581 -5.07 -2.64 46.80
CA LEU B 581 -3.88 -3.04 46.00
C LEU B 581 -2.63 -2.94 46.87
N TYR B 582 -2.53 -1.92 47.73
CA TYR B 582 -1.40 -1.79 48.68
C TYR B 582 -1.29 -3.10 49.46
N ASP B 583 -2.41 -3.58 50.05
CA ASP B 583 -2.41 -4.74 50.97
C ASP B 583 -1.95 -5.98 50.18
N LYS B 584 -2.46 -6.18 48.96
CA LYS B 584 -2.17 -7.36 48.09
C LYS B 584 -0.72 -7.35 47.64
N LEU B 585 -0.04 -6.20 47.59
CA LEU B 585 1.40 -6.14 47.25
C LEU B 585 2.20 -6.92 48.32
N GLN B 586 2.99 -7.92 47.91
CA GLN B 586 3.79 -8.77 48.83
C GLN B 586 5.19 -8.16 48.92
N PHE B 587 5.26 -6.88 49.30
CA PHE B 587 6.50 -6.07 49.31
C PHE B 587 6.77 -5.70 50.75
N THR B 588 8.01 -5.33 51.02
CA THR B 588 8.39 -4.68 52.28
C THR B 588 7.73 -3.29 52.33
N SER B 589 6.83 -3.07 53.29
CA SER B 589 6.25 -1.76 53.60
C SER B 589 7.35 -0.82 54.12
N LEU B 590 7.43 0.40 53.57
CA LEU B 590 8.31 1.48 54.06
C LEU B 590 7.51 2.40 54.98
N GLU B 591 8.22 3.16 55.82
CA GLU B 591 7.67 4.18 56.75
C GLU B 591 8.11 5.57 56.25
N ILE B 592 7.17 6.55 56.27
CA ILE B 592 7.40 8.03 56.30
C ILE B 592 6.09 8.71 55.84
N1 VWM C . 16.66 11.45 -25.00
C4 VWM C . 15.64 10.93 -22.80
C5 VWM C . 15.41 12.42 -22.58
C6 VWM C . 16.38 13.29 -23.39
C7 VWM C . 16.33 12.87 -24.87
C8 VWM C . 16.11 14.77 -23.19
C1 VWM C . 17.89 9.57 -26.04
C2 VWM C . 17.68 11.03 -25.80
O1 VWM C . 18.43 11.84 -26.34
C3 VWM C . 15.67 10.62 -24.28
O2 VWM C . 17.74 13.08 -22.99
O3 VWM C . 14.99 15.19 -22.99
O4 VWM C . 17.05 15.52 -23.20
ZN ZN D . 20.65 -18.17 -13.92
ZN ZN E . 12.44 -27.56 -16.44
ZN ZN F . 34.73 -26.65 0.49
P PO4 G . -8.60 11.19 -28.08
O1 PO4 G . -8.93 10.78 -26.65
O2 PO4 G . -7.26 11.94 -28.20
O3 PO4 G . -9.72 12.08 -28.61
O4 PO4 G . -8.53 9.96 -28.95
P PO4 H . -3.67 11.56 -28.42
O1 PO4 H . -4.47 11.68 -27.12
O2 PO4 H . -2.17 11.46 -28.13
O3 PO4 H . -3.89 12.75 -29.27
O4 PO4 H . -4.12 10.31 -29.11
ZN ZN I . -46.96 10.28 0.14
ZN ZN J . -30.40 0.26 10.49
ZN ZN K . -31.57 -12.06 6.95
P PO4 L . 8.44 -12.19 27.34
O1 PO4 L . 7.26 -13.10 27.73
O2 PO4 L . 8.27 -10.84 28.00
O3 PO4 L . 9.71 -12.87 27.83
O4 PO4 L . 8.53 -12.01 25.82
P PO4 M . 5.31 -8.08 28.62
O1 PO4 M . 6.12 -7.87 29.89
O2 PO4 M . 4.48 -9.33 28.78
O3 PO4 M . 4.40 -6.83 28.41
O4 PO4 M . 6.24 -8.25 27.47
#